data_1W29
#
_entry.id   1W29
#
_cell.length_a   131.370
_cell.length_b   80.758
_cell.length_c   85.965
_cell.angle_alpha   90.00
_cell.angle_beta   120.18
_cell.angle_gamma   90.00
#
_symmetry.space_group_name_H-M   'C 1 2 1'
#
loop_
_entity.id
_entity.type
_entity.pdbx_description
1 polymer '6,7-DIMETHYL-8-RIBITYLLUMAZINE SYNTHASE'
2 non-polymer 'ACETIC ACID'
3 non-polymer '4-{2,6,8-TRIOXO-9-[(2R,3S,4R)-2,3,4,5-TETRAHYDROXYPENTYL]-1,2,3,6,8,9-HEXAHYDRO-7H-PURIN-7-YL}BUTYL DIHYDROGEN PHOSPHATE'
4 non-polymer 'POTASSIUM ION'
5 non-polymer '4-{2,6,8-TRIOXO-9-[(2S,3R,4R)-2,3,4,5-TETRAHYDROXYPENTYL]-1,2,3,6,8,9-HEXAHYDRO-7H-PURIN-7-YL}BUTYL DIHYDROGEN PHOSPHATE'
6 non-polymer (4S,5S)-1,2-DITHIANE-4,5-DIOL
7 water water
#
_entity_poly.entity_id   1
_entity_poly.type   'polypeptide(L)'
_entity_poly.pdbx_seq_one_letter_code
;MKGGAGVPDLPSLDASGVRLAIVASSWHGKICDALLDGARKVAAGCGLDDPTVVRVLGAIEIPVVAQELARNHDAVVALG
VVIRGQTPHFDYVCDAVTQGLTRVSLDSSTPIANGVLTTNTEEQALDRAGLPTSAEDKGAQATVAALATALTLRELRAHS
;
_entity_poly.pdbx_strand_id   A,B,C,D,E
#
loop_
_chem_comp.id
_chem_comp.type
_chem_comp.name
_chem_comp.formula
ACY non-polymer 'ACETIC ACID' 'C2 H4 O2'
D1D non-polymer (4S,5S)-1,2-DITHIANE-4,5-DIOL 'C4 H8 O2 S2'
K non-polymer 'POTASSIUM ION' 'K 1'
TS0 non-polymer '4-{2,6,8-TRIOXO-9-[(2S,3R,4R)-2,3,4,5-TETRAHYDROXYPENTYL]-1,2,3,6,8,9-HEXAHYDRO-7H-PURIN-7-YL}BUTYL DIHYDROGEN PHOSPHATE' 'C14 H23 N4 O11 P'
TS1 non-polymer '4-{2,6,8-TRIOXO-9-[(2R,3S,4R)-2,3,4,5-TETRAHYDROXYPENTYL]-1,2,3,6,8,9-HEXAHYDRO-7H-PURIN-7-YL}BUTYL DIHYDROGEN PHOSPHATE' 'C14 H23 N4 O11 P'
#
# COMPACT_ATOMS: atom_id res chain seq x y z
N ALA A 15 -4.74 -5.13 33.96
CA ALA A 15 -5.45 -5.59 32.75
C ALA A 15 -5.95 -7.04 32.77
N SER A 16 -6.35 -7.53 33.93
CA SER A 16 -6.71 -8.95 34.18
C SER A 16 -7.84 -9.55 33.30
N GLY A 17 -8.75 -8.72 32.78
CA GLY A 17 -9.89 -9.18 31.99
C GLY A 17 -9.69 -9.01 30.50
N VAL A 18 -8.55 -8.46 30.11
CA VAL A 18 -8.11 -8.38 28.73
C VAL A 18 -7.77 -9.77 28.16
N ARG A 19 -8.17 -10.00 26.93
CA ARG A 19 -7.89 -11.27 26.25
C ARG A 19 -6.81 -11.05 25.23
N LEU A 20 -5.67 -11.65 25.49
CA LEU A 20 -4.47 -11.37 24.75
C LEU A 20 -4.05 -12.59 23.97
N ALA A 21 -3.54 -12.36 22.79
CA ALA A 21 -2.89 -13.38 22.02
C ALA A 21 -1.51 -12.88 21.64
N ILE A 22 -0.56 -13.78 21.52
CA ILE A 22 0.79 -13.42 21.12
C ILE A 22 1.21 -14.37 20.02
N VAL A 23 1.64 -13.84 18.89
CA VAL A 23 2.15 -14.65 17.80
C VAL A 23 3.61 -14.28 17.53
N ALA A 24 4.51 -15.25 17.65
CA ALA A 24 5.95 -15.12 17.51
C ALA A 24 6.44 -16.00 16.38
N SER A 25 7.12 -15.41 15.39
CA SER A 25 7.81 -16.18 14.36
C SER A 25 9.07 -16.83 14.98
N SER A 26 9.79 -17.63 14.19
CA SER A 26 10.84 -18.55 14.69
C SER A 26 12.22 -18.42 14.08
N TRP A 27 12.30 -17.72 12.94
CA TRP A 27 13.55 -17.30 12.29
C TRP A 27 14.38 -16.54 13.27
N HIS A 28 15.63 -16.91 13.39
CA HIS A 28 16.49 -16.42 14.49
C HIS A 28 15.81 -16.79 15.83
N GLY A 29 15.91 -18.08 16.16
CA GLY A 29 15.21 -18.71 17.26
C GLY A 29 15.50 -18.15 18.63
N LYS A 30 16.76 -17.79 18.90
CA LYS A 30 17.18 -17.28 20.21
C LYS A 30 16.61 -15.91 20.51
N ILE A 31 16.56 -15.09 19.47
CA ILE A 31 16.07 -13.72 19.57
C ILE A 31 14.54 -13.68 19.76
N CYS A 32 13.80 -14.52 19.02
CA CYS A 32 12.35 -14.67 19.14
C CYS A 32 11.94 -15.22 20.48
N ASP A 33 12.56 -16.30 20.88
CA ASP A 33 12.33 -16.85 22.21
C ASP A 33 12.47 -15.74 23.26
N ALA A 34 13.46 -14.88 23.10
CA ALA A 34 13.67 -13.80 24.01
C ALA A 34 12.52 -12.78 23.92
N LEU A 35 12.10 -12.37 22.72
CA LEU A 35 11.05 -11.38 22.64
C LEU A 35 9.73 -11.96 23.16
N LEU A 36 9.52 -13.25 22.92
CA LEU A 36 8.33 -13.94 23.35
C LEU A 36 8.32 -14.00 24.90
N ASP A 37 9.49 -14.27 25.47
CA ASP A 37 9.66 -14.32 26.89
C ASP A 37 9.32 -12.93 27.54
N GLY A 38 9.68 -11.83 26.86
CA GLY A 38 9.38 -10.50 27.36
C GLY A 38 7.91 -10.15 27.34
N ALA A 39 7.27 -10.46 26.21
CA ALA A 39 5.82 -10.35 26.04
C ALA A 39 5.12 -11.08 27.16
N ARG A 40 5.43 -12.36 27.32
CA ARG A 40 4.87 -13.19 28.34
C ARG A 40 5.13 -12.78 29.80
N LYS A 41 6.25 -12.12 30.08
CA LYS A 41 6.51 -11.64 31.45
C LYS A 41 5.71 -10.38 31.72
N VAL A 42 5.47 -9.60 30.69
CA VAL A 42 4.66 -8.41 30.82
C VAL A 42 3.21 -8.80 31.02
N ALA A 43 2.72 -9.71 30.21
CA ALA A 43 1.36 -10.27 30.41
C ALA A 43 1.13 -10.80 31.84
N ALA A 44 2.05 -11.60 32.38
CA ALA A 44 1.84 -12.17 33.70
C ALA A 44 1.88 -11.08 34.73
N GLY A 45 2.76 -10.08 34.55
CA GLY A 45 2.94 -9.01 35.50
C GLY A 45 1.76 -8.07 35.59
N CYS A 46 0.83 -8.16 34.64
CA CYS A 46 -0.43 -7.41 34.63
C CYS A 46 -1.65 -8.31 34.80
N GLY A 47 -1.53 -9.40 35.56
CA GLY A 47 -2.66 -10.27 35.87
C GLY A 47 -3.07 -11.35 34.86
N LEU A 48 -2.41 -11.42 33.70
CA LEU A 48 -2.69 -12.44 32.65
C LEU A 48 -1.75 -13.69 32.67
N ASP A 49 -2.23 -14.74 33.31
CA ASP A 49 -1.53 -16.04 33.33
C ASP A 49 -1.51 -16.90 32.02
N ASP A 50 -2.59 -16.91 31.23
CA ASP A 50 -2.65 -17.78 30.05
C ASP A 50 -3.06 -17.03 28.81
N PRO A 51 -2.25 -16.07 28.36
CA PRO A 51 -2.40 -15.57 26.98
C PRO A 51 -2.34 -16.72 25.97
N THR A 52 -3.01 -16.54 24.85
CA THR A 52 -2.90 -17.50 23.78
C THR A 52 -1.58 -17.26 23.08
N VAL A 53 -0.67 -18.23 23.04
CA VAL A 53 0.64 -18.08 22.40
C VAL A 53 0.78 -19.02 21.19
N VAL A 54 1.02 -18.49 19.99
CA VAL A 54 1.14 -19.30 18.76
C VAL A 54 2.46 -19.02 18.07
N ARG A 55 3.13 -20.06 17.56
CA ARG A 55 4.34 -19.87 16.75
C ARG A 55 4.08 -20.04 15.29
N VAL A 56 4.77 -19.22 14.54
CA VAL A 56 4.84 -19.45 13.10
C VAL A 56 6.32 -19.45 12.71
N LEU A 57 6.66 -19.92 11.52
CA LEU A 57 8.06 -19.91 11.09
C LEU A 57 8.61 -18.48 10.85
N GLY A 58 8.09 -17.77 9.87
CA GLY A 58 8.63 -16.44 9.50
C GLY A 58 7.64 -15.30 9.71
N ALA A 59 8.19 -14.10 9.80
CA ALA A 59 7.44 -12.87 9.96
C ALA A 59 6.22 -12.81 9.09
N ILE A 60 6.37 -13.20 7.83
CA ILE A 60 5.32 -13.01 6.85
C ILE A 60 4.06 -13.84 7.12
N GLU A 61 4.20 -14.87 7.94
CA GLU A 61 3.06 -15.77 8.28
C GLU A 61 2.26 -15.13 9.42
N ILE A 62 2.89 -14.18 10.10
CA ILE A 62 2.25 -13.52 11.23
C ILE A 62 0.87 -13.00 10.83
N PRO A 63 0.75 -12.18 9.81
CA PRO A 63 -0.53 -11.52 9.55
C PRO A 63 -1.73 -12.42 9.39
N VAL A 64 -1.69 -13.54 8.64
CA VAL A 64 -2.86 -14.40 8.56
C VAL A 64 -3.16 -15.10 9.89
N VAL A 65 -2.16 -15.27 10.75
CA VAL A 65 -2.43 -15.91 12.02
C VAL A 65 -3.00 -14.86 12.96
N ALA A 66 -2.38 -13.69 12.96
CA ALA A 66 -2.97 -12.55 13.66
C ALA A 66 -4.42 -12.38 13.36
N GLN A 67 -4.80 -12.51 12.10
CA GLN A 67 -6.22 -12.30 11.74
C GLN A 67 -7.15 -13.32 12.40
N GLU A 68 -6.75 -14.56 12.49
CA GLU A 68 -7.58 -15.58 13.12
C GLU A 68 -7.72 -15.34 14.64
N LEU A 69 -6.59 -14.96 15.26
CA LEU A 69 -6.50 -14.55 16.64
C LEU A 69 -7.26 -13.26 16.99
N ALA A 70 -7.30 -12.27 16.12
CA ALA A 70 -8.13 -11.08 16.37
C ALA A 70 -9.61 -11.39 16.45
N ARG A 71 -10.08 -12.57 16.00
CA ARG A 71 -11.51 -12.87 16.09
C ARG A 71 -12.03 -13.23 17.49
N ASN A 72 -11.17 -13.58 18.44
CA ASN A 72 -11.63 -13.66 19.85
C ASN A 72 -10.60 -13.28 20.88
N HIS A 73 -9.84 -12.27 20.55
CA HIS A 73 -9.03 -11.63 21.55
C HIS A 73 -9.20 -10.12 21.38
N ASP A 74 -9.02 -9.42 22.49
CA ASP A 74 -8.99 -7.97 22.55
C ASP A 74 -7.71 -7.32 21.99
N ALA A 75 -6.65 -8.08 21.90
CA ALA A 75 -5.42 -7.58 21.32
C ALA A 75 -4.47 -8.74 20.94
N VAL A 76 -3.61 -8.47 19.98
CA VAL A 76 -2.62 -9.41 19.47
C VAL A 76 -1.27 -8.72 19.42
N VAL A 77 -0.27 -9.38 20.01
CA VAL A 77 1.15 -8.97 19.89
C VAL A 77 1.87 -9.75 18.79
N ALA A 78 2.41 -9.04 17.80
CA ALA A 78 3.26 -9.64 16.76
C ALA A 78 4.72 -9.57 17.17
N LEU A 79 5.44 -10.68 17.16
CA LEU A 79 6.86 -10.65 17.52
C LEU A 79 7.61 -11.39 16.44
N GLY A 80 8.81 -10.92 16.11
CA GLY A 80 9.72 -11.61 15.22
C GLY A 80 10.92 -10.75 14.86
N VAL A 81 11.81 -11.31 14.06
CA VAL A 81 13.06 -10.63 13.76
C VAL A 81 13.37 -10.69 12.30
N VAL A 82 13.56 -9.51 11.69
CA VAL A 82 14.05 -9.45 10.33
C VAL A 82 15.38 -8.70 10.34
N ILE A 83 16.41 -9.37 9.83
CA ILE A 83 17.73 -8.82 9.72
C ILE A 83 18.18 -8.74 8.28
N ARG A 84 18.83 -7.65 7.92
CA ARG A 84 19.16 -7.38 6.52
C ARG A 84 20.36 -8.25 6.05
N GLY A 85 20.28 -8.72 4.80
CA GLY A 85 21.34 -9.50 4.14
C GLY A 85 21.97 -8.78 2.97
N GLN A 86 22.35 -9.52 1.93
CA GLN A 86 23.07 -8.96 0.75
C GLN A 86 22.19 -8.47 -0.35
N THR A 87 20.93 -8.90 -0.33
CA THR A 87 19.93 -8.57 -1.32
C THR A 87 18.79 -7.65 -0.81
N PRO A 88 18.02 -7.14 -1.78
CA PRO A 88 16.71 -6.51 -1.57
C PRO A 88 15.62 -7.22 -0.77
N HIS A 89 15.70 -8.52 -0.54
CA HIS A 89 14.59 -9.24 0.05
C HIS A 89 14.09 -8.65 1.37
N PHE A 90 15.00 -8.18 2.20
CA PHE A 90 14.68 -7.52 3.48
C PHE A 90 13.58 -6.47 3.33
N ASP A 91 13.73 -5.57 2.37
CA ASP A 91 12.70 -4.56 2.11
C ASP A 91 11.35 -5.18 1.92
N TYR A 92 11.26 -6.24 1.14
CA TYR A 92 9.94 -6.80 0.86
C TYR A 92 9.38 -7.60 1.97
N VAL A 93 10.25 -8.15 2.85
CA VAL A 93 9.72 -8.87 4.01
C VAL A 93 9.10 -7.84 4.91
N CYS A 94 9.76 -6.73 5.18
CA CYS A 94 9.25 -5.71 6.12
C CYS A 94 7.98 -5.00 5.65
N ASP A 95 7.96 -4.67 4.38
CA ASP A 95 6.80 -4.09 3.71
C ASP A 95 5.61 -5.04 3.83
N ALA A 96 5.79 -6.35 3.59
CA ALA A 96 4.74 -7.35 3.72
C ALA A 96 4.16 -7.33 5.13
N VAL A 97 5.00 -7.48 6.12
CA VAL A 97 4.61 -7.54 7.50
C VAL A 97 3.88 -6.27 7.90
N THR A 98 4.43 -5.14 7.48
CA THR A 98 3.82 -3.88 7.88
C THR A 98 2.40 -3.71 7.29
N GLN A 99 2.23 -3.92 5.98
CA GLN A 99 0.94 -3.79 5.31
C GLN A 99 -0.06 -4.82 5.86
N GLY A 100 0.41 -6.01 6.22
CA GLY A 100 -0.44 -7.08 6.67
C GLY A 100 -1.08 -6.77 8.01
N LEU A 101 -0.25 -6.33 8.94
CA LEU A 101 -0.65 -6.12 10.30
C LEU A 101 -1.46 -4.86 10.46
N THR A 102 -1.12 -3.85 9.64
CA THR A 102 -1.94 -2.65 9.53
C THR A 102 -3.33 -2.96 9.02
N ARG A 103 -3.42 -3.77 7.98
CA ARG A 103 -4.75 -4.20 7.50
C ARG A 103 -5.52 -5.08 8.48
N VAL A 104 -4.85 -6.03 9.11
CA VAL A 104 -5.49 -6.91 10.07
C VAL A 104 -6.10 -6.12 11.25
N SER A 105 -5.46 -5.06 11.71
CA SER A 105 -5.96 -4.35 12.87
C SER A 105 -7.19 -3.52 12.58
N LEU A 106 -7.26 -2.93 11.41
CA LEU A 106 -8.38 -2.07 11.11
C LEU A 106 -9.60 -2.87 10.65
N ASP A 107 -9.34 -3.98 9.94
CA ASP A 107 -10.36 -4.91 9.50
C ASP A 107 -11.08 -5.47 10.73
N SER A 108 -10.35 -5.81 11.77
CA SER A 108 -10.86 -6.41 13.00
C SER A 108 -11.03 -5.42 14.12
N SER A 109 -10.67 -4.14 13.86
CA SER A 109 -10.84 -3.07 14.84
C SER A 109 -10.23 -3.54 16.16
N THR A 110 -9.06 -4.16 16.10
CA THR A 110 -8.37 -4.75 17.24
C THR A 110 -6.91 -4.31 17.16
N PRO A 111 -6.32 -3.90 18.26
CA PRO A 111 -4.87 -3.64 18.27
C PRO A 111 -4.05 -4.90 17.93
N ILE A 112 -3.13 -4.70 16.99
CA ILE A 112 -2.02 -5.58 16.72
C ILE A 112 -0.78 -4.70 16.98
N ALA A 113 -0.16 -4.95 18.12
CA ALA A 113 1.08 -4.33 18.51
C ALA A 113 2.23 -4.99 17.71
N ASN A 114 3.03 -4.15 17.04
CA ASN A 114 4.10 -4.62 16.18
C ASN A 114 5.46 -4.70 16.97
N GLY A 115 5.90 -5.92 17.28
CA GLY A 115 7.19 -6.13 17.87
C GLY A 115 8.05 -6.91 16.92
N VAL A 116 7.92 -6.64 15.63
CA VAL A 116 8.78 -7.27 14.66
C VAL A 116 10.00 -6.35 14.48
N LEU A 117 11.14 -6.81 15.01
CA LEU A 117 12.46 -6.16 14.89
C LEU A 117 12.85 -6.12 13.46
N THR A 118 13.34 -4.96 13.03
CA THR A 118 13.81 -4.86 11.67
C THR A 118 15.13 -4.14 11.63
N THR A 119 16.22 -4.92 11.62
CA THR A 119 17.59 -4.40 11.76
C THR A 119 18.49 -4.69 10.55
N ASN A 120 19.58 -3.90 10.48
CA ASN A 120 20.65 -4.08 9.49
C ASN A 120 21.62 -5.21 9.90
N THR A 121 21.79 -5.41 11.20
CA THR A 121 22.77 -6.35 11.76
C THR A 121 22.21 -7.15 12.88
N GLU A 122 22.90 -8.25 13.19
CA GLU A 122 22.51 -9.15 14.28
C GLU A 122 22.77 -8.50 15.66
N GLU A 123 23.88 -7.79 15.79
CA GLU A 123 24.21 -7.11 17.07
C GLU A 123 23.00 -6.22 17.49
N GLN A 124 22.46 -5.51 16.50
CA GLN A 124 21.38 -4.59 16.68
C GLN A 124 20.15 -5.32 17.21
N ALA A 125 19.89 -6.50 16.61
CA ALA A 125 18.67 -7.23 16.93
C ALA A 125 18.77 -7.84 18.35
N LEU A 126 19.93 -8.35 18.72
CA LEU A 126 20.14 -8.95 20.02
C LEU A 126 20.00 -7.86 21.08
N ASP A 127 20.38 -6.63 20.73
CA ASP A 127 20.33 -5.45 21.63
C ASP A 127 18.93 -4.90 21.87
N ARG A 128 17.98 -5.34 21.06
CA ARG A 128 16.58 -4.88 21.18
C ARG A 128 15.64 -5.99 21.63
N ALA A 129 16.18 -7.11 22.13
CA ALA A 129 15.38 -8.33 22.23
C ALA A 129 15.15 -8.67 23.67
N GLY A 130 15.77 -7.91 24.55
CA GLY A 130 15.71 -8.16 25.98
C GLY A 130 16.34 -9.47 26.38
N LEU A 131 17.39 -9.84 25.67
CA LEU A 131 18.33 -10.86 26.09
C LEU A 131 19.04 -10.24 27.23
N PRO A 132 19.78 -11.01 28.01
CA PRO A 132 20.31 -10.48 29.26
C PRO A 132 21.15 -9.18 29.07
N THR A 133 21.96 -9.06 28.01
CA THR A 133 22.87 -7.89 27.81
C THR A 133 22.24 -6.76 26.97
N SER A 134 21.01 -7.00 26.50
CA SER A 134 20.28 -6.02 25.69
C SER A 134 20.01 -4.65 26.35
N ALA A 135 20.02 -3.59 25.55
CA ALA A 135 19.58 -2.23 25.95
C ALA A 135 18.06 -2.07 26.10
N GLU A 136 17.27 -2.74 25.25
CA GLU A 136 15.79 -2.77 25.41
C GLU A 136 15.13 -4.12 25.11
N ASP A 137 13.81 -4.21 25.31
CA ASP A 137 13.05 -5.40 24.87
C ASP A 137 11.76 -5.03 24.14
N LYS A 138 11.75 -5.12 22.82
CA LYS A 138 10.63 -4.65 22.07
C LYS A 138 9.45 -5.62 22.16
N GLY A 139 9.70 -6.83 22.66
CA GLY A 139 8.65 -7.75 23.07
C GLY A 139 7.87 -7.25 24.25
N ALA A 140 8.58 -6.91 25.30
CA ALA A 140 8.00 -6.25 26.47
C ALA A 140 7.20 -5.00 26.12
N GLN A 141 7.78 -4.21 25.22
CA GLN A 141 7.20 -2.94 24.80
C GLN A 141 5.94 -3.13 23.97
N ALA A 142 5.95 -4.09 23.07
CA ALA A 142 4.80 -4.34 22.22
C ALA A 142 3.59 -4.76 23.03
N THR A 143 3.79 -5.60 24.04
CA THR A 143 2.74 -6.05 24.93
C THR A 143 2.11 -4.96 25.83
N VAL A 144 2.93 -4.08 26.38
CA VAL A 144 2.44 -2.86 27.07
C VAL A 144 1.49 -2.04 26.13
N ALA A 145 1.86 -1.92 24.85
CA ALA A 145 1.07 -1.20 23.86
C ALA A 145 -0.28 -1.85 23.59
N ALA A 146 -0.23 -3.16 23.27
CA ALA A 146 -1.43 -4.00 23.10
C ALA A 146 -2.40 -3.78 24.21
N LEU A 147 -1.93 -3.94 25.42
CA LEU A 147 -2.81 -3.92 26.57
C LEU A 147 -3.42 -2.52 26.92
N ALA A 148 -2.60 -1.48 26.91
CA ALA A 148 -3.07 -0.13 27.13
C ALA A 148 -4.14 0.18 26.12
N THR A 149 -3.89 -0.17 24.88
CA THR A 149 -4.84 0.10 23.76
C THR A 149 -6.16 -0.64 23.85
N ALA A 150 -6.10 -1.92 24.15
CA ALA A 150 -7.29 -2.71 24.53
C ALA A 150 -8.06 -2.03 25.59
N LEU A 151 -7.33 -1.56 26.57
CA LEU A 151 -7.97 -0.97 27.74
C LEU A 151 -8.67 0.37 27.34
N THR A 152 -7.97 1.20 26.60
CA THR A 152 -8.55 2.40 26.00
C THR A 152 -9.79 2.15 25.11
N LEU A 153 -9.73 1.12 24.29
CA LEU A 153 -10.87 0.82 23.43
C LEU A 153 -12.06 0.38 24.26
N ARG A 154 -11.80 -0.39 25.29
CA ARG A 154 -12.84 -0.88 26.17
C ARG A 154 -13.59 0.32 26.71
N GLU A 155 -12.84 1.32 27.18
CA GLU A 155 -13.41 2.48 27.83
C GLU A 155 -14.13 3.29 26.79
N LEU A 156 -13.62 3.32 25.57
CA LEU A 156 -14.24 4.11 24.54
C LEU A 156 -15.53 3.50 23.99
N ARG A 157 -15.71 2.21 24.15
CA ARG A 157 -16.78 1.53 23.45
C ARG A 157 -18.01 1.41 24.35
N ALA A 158 -19.07 0.85 23.80
CA ALA A 158 -20.33 0.66 24.51
C ALA A 158 -20.22 -0.01 25.89
N HIS A 159 -20.54 0.74 26.95
CA HIS A 159 -20.78 0.21 28.30
C HIS A 159 -21.95 0.99 28.95
N SER A 160 -22.34 0.60 30.17
CA SER A 160 -23.67 0.84 30.79
C SER A 160 -24.16 -0.52 31.28
N ASP B 14 3.34 -34.59 9.53
CA ASP B 14 2.18 -34.10 10.30
C ASP B 14 1.01 -33.67 9.36
N ALA B 15 1.33 -33.42 8.09
CA ALA B 15 0.45 -32.65 7.21
C ALA B 15 -0.31 -33.46 6.15
N SER B 16 -0.65 -34.70 6.48
CA SER B 16 -1.23 -35.59 5.47
C SER B 16 -2.53 -35.06 4.84
N GLY B 17 -3.29 -34.27 5.61
CA GLY B 17 -4.61 -33.84 5.21
C GLY B 17 -4.67 -32.43 4.62
N VAL B 18 -3.55 -31.70 4.62
CA VAL B 18 -3.60 -30.37 4.08
C VAL B 18 -3.52 -30.34 2.54
N ARG B 19 -4.29 -29.43 1.93
CA ARG B 19 -4.43 -29.34 0.47
C ARG B 19 -3.60 -28.17 0.04
N LEU B 20 -2.52 -28.47 -0.65
CA LEU B 20 -1.49 -27.51 -0.96
C LEU B 20 -1.50 -27.27 -2.44
N ALA B 21 -1.30 -26.02 -2.78
CA ALA B 21 -1.18 -25.60 -4.13
C ALA B 21 0.15 -24.90 -4.22
N ILE B 22 0.82 -24.98 -5.36
CA ILE B 22 2.06 -24.24 -5.62
C ILE B 22 2.00 -23.56 -6.96
N VAL B 23 2.24 -22.25 -7.02
CA VAL B 23 2.24 -21.54 -8.29
C VAL B 23 3.62 -20.97 -8.55
N ALA B 24 4.19 -21.21 -9.71
CA ALA B 24 5.57 -20.85 -9.99
C ALA B 24 5.66 -20.10 -11.32
N SER B 25 6.37 -18.99 -11.33
CA SER B 25 6.50 -18.17 -12.53
C SER B 25 7.61 -18.83 -13.32
N SER B 26 7.81 -18.44 -14.57
CA SER B 26 8.77 -19.10 -15.48
C SER B 26 10.01 -18.28 -15.92
N TRP B 27 10.04 -16.97 -15.69
CA TRP B 27 11.24 -16.17 -15.93
C TRP B 27 12.48 -16.76 -15.19
N HIS B 28 13.59 -16.93 -15.89
CA HIS B 28 14.72 -17.67 -15.35
C HIS B 28 14.19 -19.07 -15.07
N GLY B 29 14.05 -19.85 -16.14
CA GLY B 29 13.49 -21.18 -16.06
C GLY B 29 14.22 -22.16 -15.16
N LYS B 30 15.53 -22.22 -15.26
CA LYS B 30 16.30 -23.22 -14.52
C LYS B 30 16.19 -23.00 -13.00
N ILE B 31 16.18 -21.76 -12.58
CA ILE B 31 16.06 -21.48 -11.17
C ILE B 31 14.62 -21.77 -10.64
N CYS B 32 13.56 -21.49 -11.40
CA CYS B 32 12.20 -21.79 -10.99
C CYS B 32 11.98 -23.30 -10.81
N ASP B 33 12.55 -24.09 -11.69
CA ASP B 33 12.54 -25.55 -11.58
C ASP B 33 13.20 -25.99 -10.27
N ALA B 34 14.25 -25.28 -9.86
CA ALA B 34 14.98 -25.71 -8.71
C ALA B 34 14.24 -25.31 -7.42
N LEU B 35 13.50 -24.19 -7.45
CA LEU B 35 12.61 -23.79 -6.33
C LEU B 35 11.44 -24.74 -6.15
N LEU B 36 10.86 -25.18 -7.25
CA LEU B 36 9.70 -26.04 -7.30
C LEU B 36 10.07 -27.44 -6.84
N ASP B 37 11.30 -27.90 -7.15
CA ASP B 37 11.83 -29.19 -6.66
C ASP B 37 11.94 -29.22 -5.12
N GLY B 38 12.43 -28.12 -4.57
CA GLY B 38 12.49 -27.92 -3.14
C GLY B 38 11.10 -27.98 -2.57
N ALA B 39 10.17 -27.26 -3.16
CA ALA B 39 8.80 -27.25 -2.64
C ALA B 39 8.18 -28.68 -2.63
N ARG B 40 8.25 -29.39 -3.75
CA ARG B 40 7.62 -30.70 -3.86
C ARG B 40 8.26 -31.76 -2.91
N LYS B 41 9.51 -31.55 -2.50
CA LYS B 41 10.24 -32.46 -1.62
C LYS B 41 9.76 -32.29 -0.22
N VAL B 42 9.74 -31.04 0.23
CA VAL B 42 9.16 -30.71 1.52
C VAL B 42 7.71 -31.26 1.64
N ALA B 43 6.90 -31.03 0.62
CA ALA B 43 5.52 -31.52 0.57
C ALA B 43 5.47 -33.06 0.73
N ALA B 44 6.27 -33.75 -0.09
CA ALA B 44 6.34 -35.18 -0.08
C ALA B 44 6.74 -35.71 1.29
N GLY B 45 7.71 -35.05 1.92
CA GLY B 45 8.22 -35.54 3.19
C GLY B 45 7.19 -35.37 4.30
N CYS B 46 6.20 -34.51 4.04
CA CYS B 46 5.14 -34.24 4.98
C CYS B 46 3.84 -35.01 4.75
N GLY B 47 3.86 -36.01 3.83
CA GLY B 47 2.71 -36.83 3.48
C GLY B 47 1.98 -36.42 2.19
N LEU B 48 2.44 -35.35 1.51
CA LEU B 48 1.76 -34.76 0.33
C LEU B 48 2.48 -35.00 -1.01
N ASP B 49 1.90 -35.94 -1.79
CA ASP B 49 2.46 -36.43 -3.06
C ASP B 49 1.94 -35.79 -4.34
N ASP B 50 0.81 -35.07 -4.23
CA ASP B 50 0.18 -34.52 -5.42
C ASP B 50 -0.32 -33.11 -5.20
N PRO B 51 0.54 -32.21 -4.73
CA PRO B 51 0.13 -30.81 -4.61
C PRO B 51 -0.37 -30.30 -5.98
N THR B 52 -1.34 -29.39 -5.99
CA THR B 52 -1.74 -28.73 -7.23
C THR B 52 -0.57 -27.84 -7.56
N VAL B 53 -0.08 -27.92 -8.79
CA VAL B 53 1.05 -27.08 -9.26
C VAL B 53 0.65 -26.38 -10.58
N VAL B 54 0.67 -25.06 -10.60
CA VAL B 54 0.38 -24.25 -11.80
C VAL B 54 1.60 -23.40 -12.13
N ARG B 55 1.89 -23.29 -13.44
CA ARG B 55 2.93 -22.41 -13.98
C ARG B 55 2.35 -21.17 -14.56
N VAL B 56 2.95 -20.04 -14.23
CA VAL B 56 2.66 -18.78 -14.89
C VAL B 56 3.92 -18.20 -15.50
N LEU B 57 3.74 -17.22 -16.36
CA LEU B 57 4.87 -16.77 -17.15
C LEU B 57 5.73 -15.85 -16.30
N GLY B 58 5.18 -14.84 -15.67
CA GLY B 58 6.03 -14.01 -14.83
C GLY B 58 5.51 -13.86 -13.44
N ALA B 59 6.28 -13.27 -12.53
CA ALA B 59 5.89 -13.14 -11.14
C ALA B 59 4.69 -12.20 -10.88
N ILE B 60 4.48 -11.22 -11.72
CA ILE B 60 3.32 -10.31 -11.57
C ILE B 60 1.99 -11.05 -11.79
N GLU B 61 2.05 -12.21 -12.45
CA GLU B 61 0.86 -13.04 -12.73
C GLU B 61 0.52 -13.93 -11.50
N ILE B 62 1.45 -14.06 -10.57
CA ILE B 62 1.25 -14.97 -9.47
C ILE B 62 0.05 -14.61 -8.68
N PRO B 63 -0.08 -13.38 -8.23
CA PRO B 63 -1.16 -13.09 -7.29
C PRO B 63 -2.52 -13.47 -7.83
N VAL B 64 -2.85 -13.17 -9.06
CA VAL B 64 -4.19 -13.53 -9.52
C VAL B 64 -4.39 -15.06 -9.67
N VAL B 65 -3.34 -15.81 -9.92
CA VAL B 65 -3.45 -17.26 -9.94
C VAL B 65 -3.53 -17.82 -8.53
N ALA B 66 -2.67 -17.33 -7.65
CA ALA B 66 -2.76 -17.69 -6.23
C ALA B 66 -4.18 -17.45 -5.67
N GLN B 67 -4.85 -16.35 -6.01
CA GLN B 67 -6.17 -16.07 -5.44
C GLN B 67 -7.17 -17.17 -5.80
N GLU B 68 -7.11 -17.58 -7.05
CA GLU B 68 -7.90 -18.69 -7.50
C GLU B 68 -7.58 -20.02 -6.78
N LEU B 69 -6.31 -20.27 -6.59
CA LEU B 69 -5.90 -21.52 -5.94
C LEU B 69 -6.38 -21.56 -4.49
N ALA B 70 -6.52 -20.39 -3.86
CA ALA B 70 -6.88 -20.30 -2.46
C ALA B 70 -8.32 -20.59 -2.17
N ARG B 71 -9.18 -20.64 -3.18
CA ARG B 71 -10.60 -21.08 -3.03
C ARG B 71 -10.80 -22.59 -2.85
N ASN B 72 -9.78 -23.39 -3.17
CA ASN B 72 -9.91 -24.87 -3.17
C ASN B 72 -8.79 -25.49 -2.35
N HIS B 73 -8.00 -24.69 -1.64
CA HIS B 73 -6.76 -25.15 -0.99
C HIS B 73 -6.53 -24.49 0.33
N ASP B 74 -5.88 -25.20 1.25
CA ASP B 74 -5.47 -24.71 2.57
C ASP B 74 -4.22 -23.84 2.62
N ALA B 75 -3.39 -23.91 1.60
CA ALA B 75 -2.13 -23.15 1.52
C ALA B 75 -1.64 -23.04 0.06
N VAL B 76 -1.04 -21.90 -0.24
CA VAL B 76 -0.49 -21.66 -1.55
C VAL B 76 0.96 -21.22 -1.36
N VAL B 77 1.83 -21.80 -2.19
CA VAL B 77 3.24 -21.46 -2.24
C VAL B 77 3.48 -20.76 -3.57
N ALA B 78 3.95 -19.53 -3.50
CA ALA B 78 4.26 -18.69 -4.67
C ALA B 78 5.74 -18.76 -4.86
N LEU B 79 6.18 -19.35 -5.96
CA LEU B 79 7.60 -19.47 -6.29
C LEU B 79 7.97 -18.60 -7.53
N GLY B 80 9.21 -18.09 -7.57
CA GLY B 80 9.69 -17.26 -8.68
C GLY B 80 10.98 -16.52 -8.37
N VAL B 81 11.38 -15.72 -9.34
CA VAL B 81 12.69 -15.14 -9.43
C VAL B 81 12.64 -13.86 -10.23
N VAL B 82 12.96 -12.76 -9.55
CA VAL B 82 13.02 -11.43 -10.09
C VAL B 82 14.45 -10.99 -9.88
N ILE B 83 15.16 -10.64 -10.94
CA ILE B 83 16.56 -10.22 -10.85
C ILE B 83 16.78 -8.80 -11.40
N ARG B 84 17.38 -7.93 -10.59
CA ARG B 84 17.51 -6.50 -10.90
C ARG B 84 18.29 -6.23 -12.20
N GLY B 85 17.76 -5.30 -13.00
CA GLY B 85 18.32 -4.87 -14.25
C GLY B 85 18.94 -3.50 -14.12
N GLN B 86 18.99 -2.82 -15.26
CA GLN B 86 19.55 -1.50 -15.39
C GLN B 86 18.58 -0.38 -15.01
N THR B 87 17.27 -0.64 -15.11
CA THR B 87 16.22 0.38 -14.82
C THR B 87 15.64 0.25 -13.40
N PRO B 88 14.79 1.19 -12.97
CA PRO B 88 14.00 1.03 -11.74
C PRO B 88 12.91 -0.01 -11.75
N HIS B 89 12.78 -0.69 -12.87
CA HIS B 89 11.64 -1.56 -13.07
C HIS B 89 11.56 -2.75 -12.14
N PHE B 90 12.69 -3.20 -11.61
CA PHE B 90 12.78 -4.25 -10.54
C PHE B 90 11.92 -3.88 -9.38
N ASP B 91 12.08 -2.66 -8.93
CA ASP B 91 11.41 -2.18 -7.74
C ASP B 91 9.88 -2.25 -7.87
N TYR B 92 9.34 -1.88 -9.00
CA TYR B 92 7.87 -1.99 -9.18
C TYR B 92 7.35 -3.42 -9.29
N VAL B 93 8.07 -4.28 -9.96
CA VAL B 93 7.64 -5.67 -10.01
C VAL B 93 7.57 -6.28 -8.59
N CYS B 94 8.60 -6.05 -7.79
CA CYS B 94 8.68 -6.55 -6.42
C CYS B 94 7.53 -6.00 -5.58
N ASP B 95 7.26 -4.71 -5.75
CA ASP B 95 6.17 -4.06 -5.05
C ASP B 95 4.86 -4.74 -5.39
N ALA B 96 4.54 -4.93 -6.68
CA ALA B 96 3.28 -5.59 -7.09
C ALA B 96 3.11 -6.99 -6.52
N VAL B 97 4.08 -7.85 -6.73
CA VAL B 97 4.13 -9.18 -6.11
C VAL B 97 3.85 -9.11 -4.64
N THR B 98 4.62 -8.27 -3.95
CA THR B 98 4.47 -8.18 -2.51
C THR B 98 3.06 -7.82 -2.07
N GLN B 99 2.57 -6.66 -2.51
CA GLN B 99 1.25 -6.17 -2.15
C GLN B 99 0.17 -7.20 -2.50
N GLY B 100 0.36 -7.93 -3.59
CA GLY B 100 -0.68 -8.82 -4.05
C GLY B 100 -0.81 -10.07 -3.19
N LEU B 101 0.26 -10.82 -3.04
CA LEU B 101 0.27 -11.97 -2.19
C LEU B 101 -0.15 -11.63 -0.78
N THR B 102 0.18 -10.44 -0.31
CA THR B 102 -0.33 -10.03 0.97
C THR B 102 -1.83 -9.81 1.00
N ARG B 103 -2.39 -9.16 0.01
CA ARG B 103 -3.83 -9.07 -0.07
C ARG B 103 -4.50 -10.45 -0.23
N VAL B 104 -3.93 -11.29 -1.05
CA VAL B 104 -4.56 -12.52 -1.38
C VAL B 104 -4.69 -13.36 -0.11
N SER B 105 -3.64 -13.41 0.71
CA SER B 105 -3.68 -14.23 1.92
C SER B 105 -4.73 -13.78 2.90
N LEU B 106 -4.94 -12.49 3.03
CA LEU B 106 -5.81 -11.99 4.05
C LEU B 106 -7.26 -11.96 3.61
N ASP B 107 -7.50 -11.56 2.36
CA ASP B 107 -8.82 -11.79 1.72
C ASP B 107 -9.36 -13.20 1.86
N SER B 108 -8.51 -14.20 1.73
CA SER B 108 -8.92 -15.59 1.64
C SER B 108 -8.68 -16.34 2.96
N SER B 109 -8.04 -15.67 3.91
CA SER B 109 -7.70 -16.26 5.21
C SER B 109 -6.91 -17.54 5.05
N THR B 110 -6.02 -17.55 4.05
CA THR B 110 -5.17 -18.66 3.74
C THR B 110 -3.69 -18.19 3.67
N PRO B 111 -2.79 -19.00 4.19
CA PRO B 111 -1.37 -18.74 3.97
C PRO B 111 -1.03 -18.75 2.48
N ILE B 112 -0.27 -17.73 2.07
CA ILE B 112 0.36 -17.64 0.78
C ILE B 112 1.84 -17.36 1.07
N ALA B 113 2.65 -18.43 0.97
CA ALA B 113 4.05 -18.37 1.27
C ALA B 113 4.81 -17.63 0.14
N ASN B 114 5.59 -16.58 0.46
CA ASN B 114 6.28 -15.82 -0.55
C ASN B 114 7.66 -16.43 -0.84
N GLY B 115 7.71 -17.30 -1.84
CA GLY B 115 8.95 -17.95 -2.18
C GLY B 115 9.53 -17.26 -3.39
N VAL B 116 9.29 -15.96 -3.54
CA VAL B 116 9.79 -15.27 -4.74
C VAL B 116 11.05 -14.56 -4.36
N LEU B 117 12.14 -15.05 -4.91
CA LEU B 117 13.44 -14.40 -4.78
C LEU B 117 13.43 -13.04 -5.46
N THR B 118 14.11 -12.09 -4.84
CA THR B 118 14.34 -10.79 -5.40
C THR B 118 15.80 -10.50 -5.17
N THR B 119 16.61 -10.67 -6.21
CA THR B 119 18.06 -10.52 -6.05
C THR B 119 18.62 -9.41 -6.94
N ASN B 120 19.80 -8.91 -6.61
CA ASN B 120 20.59 -8.04 -7.51
C ASN B 120 21.31 -8.68 -8.72
N THR B 121 21.67 -9.98 -8.59
CA THR B 121 22.40 -10.73 -9.63
C THR B 121 21.97 -12.21 -9.74
N GLU B 122 22.30 -12.84 -10.85
CA GLU B 122 21.96 -14.26 -11.10
C GLU B 122 22.62 -15.17 -10.05
N GLU B 123 23.88 -14.85 -9.69
CA GLU B 123 24.72 -15.58 -8.72
C GLU B 123 23.98 -15.71 -7.36
N GLN B 124 23.30 -14.64 -6.97
CA GLN B 124 22.60 -14.57 -5.69
C GLN B 124 21.34 -15.45 -5.72
N ALA B 125 20.68 -15.51 -6.87
CA ALA B 125 19.46 -16.28 -6.98
C ALA B 125 19.77 -17.77 -6.89
N LEU B 126 20.93 -18.13 -7.48
CA LEU B 126 21.34 -19.55 -7.66
C LEU B 126 21.74 -20.11 -6.33
N ASP B 127 22.30 -19.24 -5.51
CA ASP B 127 22.62 -19.50 -4.11
C ASP B 127 21.43 -19.65 -3.16
N ARG B 128 20.22 -19.32 -3.59
CA ARG B 128 19.05 -19.41 -2.73
C ARG B 128 17.95 -20.32 -3.27
N ALA B 129 18.30 -21.16 -4.25
CA ALA B 129 17.36 -22.03 -4.96
C ALA B 129 17.57 -23.50 -4.61
N GLY B 130 18.49 -23.76 -3.68
CA GLY B 130 18.75 -25.10 -3.20
C GLY B 130 19.29 -26.06 -4.24
N LEU B 131 20.14 -25.56 -5.14
CA LEU B 131 21.01 -26.41 -5.94
C LEU B 131 22.05 -27.07 -5.05
N PRO B 132 22.78 -28.04 -5.56
CA PRO B 132 23.75 -28.74 -4.74
C PRO B 132 24.63 -27.81 -3.90
N THR B 133 25.25 -26.77 -4.45
CA THR B 133 26.16 -25.92 -3.65
C THR B 133 25.51 -24.62 -3.09
N SER B 134 24.22 -24.48 -3.27
CA SER B 134 23.52 -23.33 -2.70
C SER B 134 23.65 -23.26 -1.16
N ALA B 135 23.69 -22.04 -0.63
CA ALA B 135 23.70 -21.76 0.80
C ALA B 135 22.38 -22.07 1.46
N GLU B 136 21.30 -21.89 0.71
CA GLU B 136 19.95 -22.16 1.17
C GLU B 136 18.97 -22.47 0.02
N ASP B 137 17.76 -22.97 0.35
CA ASP B 137 16.68 -23.29 -0.59
C ASP B 137 15.34 -22.62 -0.22
N LYS B 138 15.03 -21.49 -0.82
CA LYS B 138 13.92 -20.64 -0.39
C LYS B 138 12.53 -21.22 -0.76
N GLY B 139 12.48 -21.96 -1.86
CA GLY B 139 11.38 -22.85 -2.20
C GLY B 139 10.97 -23.89 -1.16
N ALA B 140 11.93 -24.64 -0.66
CA ALA B 140 11.74 -25.48 0.53
C ALA B 140 11.20 -24.70 1.73
N GLN B 141 11.86 -23.59 2.06
CA GLN B 141 11.47 -22.80 3.25
C GLN B 141 9.99 -22.37 3.23
N ALA B 142 9.53 -21.97 2.04
CA ALA B 142 8.19 -21.40 1.88
C ALA B 142 7.14 -22.48 1.95
N THR B 143 7.47 -23.68 1.52
CA THR B 143 6.55 -24.78 1.68
C THR B 143 6.47 -25.13 3.15
N VAL B 144 7.59 -25.31 3.81
CA VAL B 144 7.47 -25.64 5.22
C VAL B 144 6.57 -24.55 5.88
N ALA B 145 6.85 -23.28 5.57
CA ALA B 145 6.11 -22.20 6.16
C ALA B 145 4.62 -22.28 5.86
N ALA B 146 4.25 -22.59 4.62
CA ALA B 146 2.84 -22.72 4.28
C ALA B 146 2.19 -23.84 5.03
N LEU B 147 2.84 -25.01 5.04
CA LEU B 147 2.23 -26.17 5.59
C LEU B 147 2.07 -26.03 7.10
N ALA B 148 3.08 -25.45 7.77
CA ALA B 148 3.07 -25.26 9.23
C ALA B 148 2.04 -24.21 9.62
N THR B 149 1.86 -23.19 8.80
CA THR B 149 0.80 -22.24 9.05
C THR B 149 -0.59 -22.83 8.77
N ALA B 150 -0.70 -23.78 7.86
CA ALA B 150 -2.03 -24.35 7.55
C ALA B 150 -2.48 -25.20 8.69
N LEU B 151 -1.53 -25.82 9.35
CA LEU B 151 -1.80 -26.73 10.44
C LEU B 151 -2.12 -26.00 11.72
N THR B 152 -1.30 -24.97 11.97
CA THR B 152 -1.58 -24.05 13.04
C THR B 152 -3.01 -23.55 12.98
N LEU B 153 -3.39 -23.03 11.86
CA LEU B 153 -4.73 -22.47 11.70
C LEU B 153 -5.85 -23.50 11.85
N ARG B 154 -5.65 -24.73 11.33
CA ARG B 154 -6.58 -25.79 11.64
C ARG B 154 -6.77 -26.06 13.15
N GLU B 155 -5.72 -26.14 13.97
CA GLU B 155 -6.03 -26.30 15.38
C GLU B 155 -6.74 -25.07 15.92
N LEU B 156 -6.33 -23.89 15.46
CA LEU B 156 -6.91 -22.65 15.99
C LEU B 156 -8.36 -22.55 15.68
N ARG B 157 -8.75 -23.07 14.52
CA ARG B 157 -10.11 -22.93 13.99
C ARG B 157 -11.07 -23.99 14.66
N ALA B 158 -12.34 -24.00 14.28
CA ALA B 158 -13.31 -24.88 14.91
C ALA B 158 -13.06 -26.39 14.68
N HIS B 159 -12.94 -27.15 15.78
CA HIS B 159 -13.08 -28.62 15.77
C HIS B 159 -13.79 -29.09 17.03
N SER B 160 -14.25 -30.35 17.00
CA SER B 160 -15.08 -30.91 18.08
C SER B 160 -14.33 -32.00 18.86
N ALA C 15 -5.47 -20.35 -28.37
CA ALA C 15 -5.73 -19.08 -27.60
C ALA C 15 -6.79 -18.17 -28.23
N SER C 16 -7.36 -18.65 -29.34
CA SER C 16 -8.34 -17.87 -30.09
C SER C 16 -9.56 -17.43 -29.26
N GLY C 17 -9.95 -18.19 -28.22
CA GLY C 17 -11.20 -17.92 -27.47
C GLY C 17 -11.24 -16.69 -26.57
N VAL C 18 -10.07 -16.18 -26.23
CA VAL C 18 -9.96 -15.19 -25.17
C VAL C 18 -10.26 -13.79 -25.65
N ARG C 19 -10.80 -13.01 -24.74
CA ARG C 19 -11.30 -11.68 -24.99
C ARG C 19 -10.31 -10.73 -24.36
N LEU C 20 -9.68 -9.93 -25.20
CA LEU C 20 -8.57 -9.19 -24.79
C LEU C 20 -8.80 -7.73 -25.08
N ALA C 21 -8.48 -6.96 -24.07
CA ALA C 21 -8.51 -5.52 -24.11
C ALA C 21 -7.08 -5.03 -23.92
N ILE C 22 -6.74 -3.92 -24.53
CA ILE C 22 -5.44 -3.30 -24.33
C ILE C 22 -5.69 -1.86 -23.96
N VAL C 23 -5.12 -1.38 -22.85
CA VAL C 23 -5.16 0.07 -22.60
C VAL C 23 -3.73 0.69 -22.59
N ALA C 24 -3.49 1.61 -23.51
CA ALA C 24 -2.19 2.24 -23.69
C ALA C 24 -2.31 3.73 -23.44
N SER C 25 -1.44 4.25 -22.58
CA SER C 25 -1.41 5.69 -22.33
C SER C 25 -0.64 6.34 -23.49
N SER C 26 -0.63 7.68 -23.56
CA SER C 26 -0.14 8.44 -24.70
C SER C 26 1.08 9.29 -24.45
N TRP C 27 1.48 9.42 -23.20
CA TRP C 27 2.72 10.13 -22.84
C TRP C 27 3.93 9.44 -23.47
N HIS C 28 4.83 10.20 -24.09
CA HIS C 28 5.82 9.65 -25.05
C HIS C 28 5.11 8.74 -26.06
N GLY C 29 4.34 9.36 -26.95
CA GLY C 29 3.49 8.64 -27.88
C GLY C 29 4.16 7.80 -28.96
N LYS C 30 5.39 8.14 -29.35
CA LYS C 30 6.17 7.28 -30.26
C LYS C 30 6.51 5.94 -29.58
N ILE C 31 6.86 6.03 -28.31
CA ILE C 31 7.17 4.84 -27.55
C ILE C 31 5.91 4.07 -27.17
N CYS C 32 4.83 4.73 -26.78
CA CYS C 32 3.56 4.03 -26.50
C CYS C 32 3.08 3.33 -27.73
N ASP C 33 3.37 3.93 -28.88
CA ASP C 33 2.89 3.41 -30.17
C ASP C 33 3.60 2.12 -30.64
N ALA C 34 4.87 1.94 -30.32
CA ALA C 34 5.54 0.66 -30.59
C ALA C 34 5.15 -0.48 -29.62
N LEU C 35 5.01 -0.19 -28.34
CA LEU C 35 4.43 -1.14 -27.39
C LEU C 35 3.08 -1.68 -27.89
N LEU C 36 2.27 -0.81 -28.46
CA LEU C 36 0.95 -1.19 -28.90
C LEU C 36 0.99 -1.97 -30.21
N ASP C 37 1.84 -1.56 -31.15
CA ASP C 37 2.09 -2.35 -32.39
C ASP C 37 2.55 -3.77 -32.05
N GLY C 38 3.47 -3.89 -31.12
CA GLY C 38 3.91 -5.18 -30.60
C GLY C 38 2.86 -5.96 -29.81
N ALA C 39 1.94 -5.29 -29.13
CA ALA C 39 0.88 -6.03 -28.45
C ALA C 39 -0.09 -6.67 -29.49
N ARG C 40 -0.35 -5.95 -30.58
CA ARG C 40 -1.33 -6.34 -31.59
C ARG C 40 -0.78 -7.37 -32.53
N LYS C 41 0.53 -7.33 -32.80
CA LYS C 41 1.22 -8.38 -33.53
C LYS C 41 1.02 -9.69 -32.81
N VAL C 42 1.33 -9.70 -31.52
CA VAL C 42 1.18 -10.91 -30.71
C VAL C 42 -0.26 -11.39 -30.67
N ALA C 43 -1.19 -10.46 -30.50
CA ALA C 43 -2.59 -10.84 -30.43
C ALA C 43 -3.01 -11.43 -31.77
N ALA C 44 -2.61 -10.82 -32.89
CA ALA C 44 -2.98 -11.34 -34.22
C ALA C 44 -2.34 -12.72 -34.53
N GLY C 45 -1.10 -12.90 -34.11
CA GLY C 45 -0.41 -14.17 -34.20
C GLY C 45 -0.97 -15.29 -33.34
N CYS C 46 -1.83 -14.98 -32.36
CA CYS C 46 -2.57 -16.02 -31.64
C CYS C 46 -4.02 -16.11 -32.11
N GLY C 47 -4.28 -15.58 -33.30
CA GLY C 47 -5.57 -15.69 -33.96
C GLY C 47 -6.73 -14.90 -33.36
N LEU C 48 -6.40 -13.82 -32.64
CA LEU C 48 -7.43 -13.04 -31.94
C LEU C 48 -8.40 -12.20 -32.86
N ASP C 49 -9.70 -12.50 -32.65
CA ASP C 49 -10.79 -11.52 -32.73
C ASP C 49 -10.15 -10.21 -32.28
N ASP C 50 -9.92 -9.34 -33.27
CA ASP C 50 -9.69 -7.90 -33.09
C ASP C 50 -9.90 -7.39 -31.63
N PRO C 51 -8.81 -7.23 -30.88
CA PRO C 51 -8.90 -6.87 -29.46
C PRO C 51 -9.44 -5.46 -29.21
N THR C 52 -10.04 -5.23 -28.06
CA THR C 52 -10.53 -3.90 -27.73
C THR C 52 -9.37 -2.98 -27.32
N VAL C 53 -9.10 -1.92 -28.07
CA VAL C 53 -8.02 -0.97 -27.71
C VAL C 53 -8.53 0.42 -27.27
N VAL C 54 -8.09 0.89 -26.11
CA VAL C 54 -8.43 2.22 -25.60
C VAL C 54 -7.16 3.03 -25.34
N ARG C 55 -7.13 4.29 -25.74
CA ARG C 55 -6.00 5.14 -25.38
C ARG C 55 -6.32 5.95 -24.17
N VAL C 56 -5.31 6.22 -23.35
CA VAL C 56 -5.50 7.21 -22.31
C VAL C 56 -4.36 8.22 -22.31
N LEU C 57 -4.55 9.33 -21.60
CA LEU C 57 -3.57 10.40 -21.65
C LEU C 57 -2.29 9.99 -20.92
N GLY C 58 -2.39 9.62 -19.66
CA GLY C 58 -1.22 9.22 -18.93
C GLY C 58 -1.38 7.90 -18.21
N ALA C 59 -0.29 7.27 -17.86
CA ALA C 59 -0.27 6.04 -17.10
C ALA C 59 -1.17 6.00 -15.81
N ILE C 60 -1.40 7.15 -15.21
CA ILE C 60 -2.19 7.21 -13.96
C ILE C 60 -3.66 7.00 -14.26
N GLU C 61 -4.04 7.34 -15.48
CA GLU C 61 -5.35 7.05 -16.01
C GLU C 61 -5.60 5.57 -16.24
N ILE C 62 -4.58 4.78 -16.54
CA ILE C 62 -4.83 3.37 -16.88
C ILE C 62 -5.67 2.53 -15.92
N PRO C 63 -5.44 2.55 -14.60
CA PRO C 63 -6.20 1.60 -13.75
C PRO C 63 -7.74 1.75 -13.76
N VAL C 64 -8.31 2.94 -13.85
CA VAL C 64 -9.77 3.10 -13.78
C VAL C 64 -10.37 2.62 -15.10
N VAL C 65 -9.63 2.85 -16.18
CA VAL C 65 -10.09 2.37 -17.48
C VAL C 65 -9.93 0.80 -17.51
N ALA C 66 -8.83 0.27 -16.99
CA ALA C 66 -8.62 -1.20 -16.85
C ALA C 66 -9.72 -1.86 -16.01
N GLN C 67 -10.14 -1.18 -14.96
CA GLN C 67 -11.28 -1.62 -14.17
C GLN C 67 -12.53 -1.74 -15.04
N GLU C 68 -12.80 -0.74 -15.88
CA GLU C 68 -13.97 -0.83 -16.75
C GLU C 68 -13.83 -2.04 -17.73
N LEU C 69 -12.64 -2.18 -18.31
CA LEU C 69 -12.36 -3.17 -19.33
C LEU C 69 -12.37 -4.59 -18.81
N ALA C 70 -11.89 -4.74 -17.59
CA ALA C 70 -11.92 -6.02 -16.91
C ALA C 70 -13.32 -6.55 -16.64
N ARG C 71 -14.34 -5.70 -16.63
CA ARG C 71 -15.70 -6.18 -16.48
C ARG C 71 -16.20 -7.06 -17.63
N ASN C 72 -15.63 -6.87 -18.82
CA ASN C 72 -16.13 -7.47 -20.05
C ASN C 72 -15.08 -8.29 -20.86
N HIS C 73 -13.93 -8.53 -20.26
CA HIS C 73 -12.85 -9.25 -20.91
C HIS C 73 -12.13 -10.20 -19.93
N ASP C 74 -11.47 -11.25 -20.47
CA ASP C 74 -10.67 -12.25 -19.77
C ASP C 74 -9.27 -11.77 -19.44
N ALA C 75 -8.83 -10.73 -20.12
CA ALA C 75 -7.50 -10.20 -19.96
C ALA C 75 -7.36 -8.77 -20.43
N VAL C 76 -6.59 -7.98 -19.67
CA VAL C 76 -6.30 -6.58 -19.96
C VAL C 76 -4.78 -6.37 -19.98
N VAL C 77 -4.23 -5.87 -21.09
CA VAL C 77 -2.82 -5.47 -21.17
C VAL C 77 -2.71 -3.95 -20.92
N ALA C 78 -1.91 -3.56 -19.92
CA ALA C 78 -1.65 -2.16 -19.62
C ALA C 78 -0.32 -1.68 -20.19
N LEU C 79 -0.36 -0.73 -21.10
CA LEU C 79 0.82 -0.23 -21.80
C LEU C 79 1.00 1.26 -21.65
N GLY C 80 2.26 1.66 -21.64
CA GLY C 80 2.66 3.04 -21.47
C GLY C 80 4.09 3.16 -20.99
N VAL C 81 4.51 4.38 -20.75
CA VAL C 81 5.91 4.66 -20.52
C VAL C 81 6.02 5.76 -19.56
N VAL C 82 6.81 5.57 -18.51
CA VAL C 82 7.15 6.58 -17.58
C VAL C 82 8.66 6.75 -17.53
N ILE C 83 9.14 7.95 -17.85
CA ILE C 83 10.55 8.25 -17.80
C ILE C 83 10.86 9.25 -16.69
N ARG C 84 12.00 9.05 -16.02
CA ARG C 84 12.41 9.90 -14.91
C ARG C 84 12.99 11.28 -15.33
N GLY C 85 12.58 12.30 -14.55
CA GLY C 85 12.96 13.70 -14.80
C GLY C 85 13.84 14.22 -13.69
N GLN C 86 13.55 15.44 -13.23
CA GLN C 86 14.39 16.17 -12.29
C GLN C 86 13.87 16.10 -10.84
N THR C 87 12.58 15.78 -10.66
CA THR C 87 11.93 15.74 -9.36
C THR C 87 11.52 14.31 -8.92
N PRO C 88 11.00 14.16 -7.68
CA PRO C 88 10.39 12.90 -7.19
C PRO C 88 9.10 12.46 -7.87
N HIS C 89 8.50 13.27 -8.74
CA HIS C 89 7.23 12.92 -9.36
C HIS C 89 7.18 11.49 -9.93
N PHE C 90 8.23 11.10 -10.66
CA PHE C 90 8.40 9.78 -11.25
C PHE C 90 8.06 8.67 -10.29
N ASP C 91 8.57 8.78 -9.07
CA ASP C 91 8.40 7.75 -8.06
C ASP C 91 6.91 7.57 -7.70
N TYR C 92 6.19 8.68 -7.56
CA TYR C 92 4.76 8.62 -7.22
C TYR C 92 3.87 8.17 -8.35
N VAL C 93 4.18 8.57 -9.54
CA VAL C 93 3.49 8.11 -10.70
C VAL C 93 3.58 6.60 -10.85
N CYS C 94 4.78 6.05 -10.67
CA CYS C 94 5.03 4.60 -10.78
C CYS C 94 4.31 3.82 -9.65
N ASP C 95 4.25 4.40 -8.45
CA ASP C 95 3.60 3.77 -7.27
C ASP C 95 2.10 3.67 -7.50
N ALA C 96 1.53 4.79 -7.90
CA ALA C 96 0.12 4.85 -8.28
C ALA C 96 -0.24 3.77 -9.28
N VAL C 97 0.55 3.62 -10.33
CA VAL C 97 0.20 2.67 -11.37
C VAL C 97 0.28 1.25 -10.83
N THR C 98 1.31 1.02 -10.04
CA THR C 98 1.53 -0.26 -9.47
C THR C 98 0.38 -0.62 -8.52
N GLN C 99 0.08 0.19 -7.52
CA GLN C 99 -0.99 -0.16 -6.59
C GLN C 99 -2.36 -0.34 -7.31
N GLY C 100 -2.57 0.44 -8.36
CA GLY C 100 -3.82 0.44 -9.09
C GLY C 100 -4.03 -0.83 -9.89
N LEU C 101 -3.04 -1.25 -10.65
CA LEU C 101 -3.14 -2.43 -11.46
C LEU C 101 -3.29 -3.71 -10.64
N THR C 102 -2.44 -3.86 -9.64
CA THR C 102 -2.47 -5.00 -8.75
C THR C 102 -3.83 -5.11 -8.12
N ARG C 103 -4.40 -4.02 -7.62
CA ARG C 103 -5.75 -4.01 -7.07
C ARG C 103 -6.89 -4.26 -8.04
N VAL C 104 -6.78 -3.70 -9.26
CA VAL C 104 -7.82 -3.90 -10.25
C VAL C 104 -7.85 -5.40 -10.62
N SER C 105 -6.69 -6.02 -10.81
CA SER C 105 -6.61 -7.45 -11.15
C SER C 105 -7.16 -8.35 -10.06
N LEU C 106 -6.96 -8.02 -8.80
CA LEU C 106 -7.50 -8.84 -7.75
C LEU C 106 -9.00 -8.63 -7.54
N ASP C 107 -9.50 -7.41 -7.75
CA ASP C 107 -10.92 -7.13 -7.56
C ASP C 107 -11.78 -7.87 -8.58
N SER C 108 -11.23 -7.99 -9.80
CA SER C 108 -11.95 -8.54 -10.93
C SER C 108 -11.49 -9.92 -11.20
N SER C 109 -10.60 -10.43 -10.37
CA SER C 109 -9.94 -11.72 -10.66
C SER C 109 -9.63 -11.88 -12.14
N THR C 110 -8.92 -10.92 -12.73
CA THR C 110 -8.64 -10.90 -14.16
C THR C 110 -7.19 -10.56 -14.32
N PRO C 111 -6.44 -11.29 -15.15
CA PRO C 111 -5.02 -10.91 -15.40
C PRO C 111 -4.95 -9.49 -15.94
N ILE C 112 -4.18 -8.63 -15.30
CA ILE C 112 -3.89 -7.29 -15.77
C ILE C 112 -2.41 -7.27 -15.97
N ALA C 113 -2.00 -7.50 -17.22
CA ALA C 113 -0.58 -7.53 -17.55
C ALA C 113 0.05 -6.15 -17.42
N ASN C 114 1.26 -6.09 -16.86
CA ASN C 114 1.89 -4.80 -16.74
C ASN C 114 2.91 -4.60 -17.85
N GLY C 115 2.50 -3.94 -18.93
CA GLY C 115 3.44 -3.57 -20.00
C GLY C 115 3.89 -2.10 -19.92
N VAL C 116 4.02 -1.56 -18.69
CA VAL C 116 4.32 -0.14 -18.46
C VAL C 116 5.80 0.02 -18.20
N LEU C 117 6.52 0.63 -19.13
CA LEU C 117 7.96 0.83 -18.92
C LEU C 117 8.15 1.90 -17.87
N THR C 118 9.20 1.74 -17.05
CA THR C 118 9.55 2.71 -16.03
C THR C 118 11.07 2.85 -16.14
N THR C 119 11.53 3.87 -16.87
CA THR C 119 12.96 4.01 -17.20
C THR C 119 13.58 5.33 -16.71
N ASN C 120 14.92 5.36 -16.61
CA ASN C 120 15.67 6.58 -16.27
C ASN C 120 15.78 7.54 -17.44
N THR C 121 15.92 6.97 -18.64
CA THR C 121 16.11 7.72 -19.88
C THR C 121 15.27 7.22 -21.04
N GLU C 122 15.22 8.06 -22.06
CA GLU C 122 14.42 7.78 -23.23
C GLU C 122 15.05 6.63 -24.01
N GLU C 123 16.38 6.65 -24.04
CA GLU C 123 17.19 5.64 -24.68
C GLU C 123 16.82 4.26 -24.10
N GLN C 124 16.82 4.11 -22.78
CA GLN C 124 16.42 2.81 -22.18
C GLN C 124 15.00 2.36 -22.56
N ALA C 125 14.08 3.30 -22.67
CA ALA C 125 12.69 2.96 -23.03
C ALA C 125 12.58 2.47 -24.48
N LEU C 126 13.23 3.17 -25.42
CA LEU C 126 13.21 2.84 -26.86
C LEU C 126 13.74 1.41 -27.10
N ASP C 127 14.74 1.05 -26.32
CA ASP C 127 15.40 -0.23 -26.31
C ASP C 127 14.58 -1.44 -25.79
N ARG C 128 13.60 -1.17 -24.92
CA ARG C 128 12.70 -2.16 -24.42
C ARG C 128 11.38 -2.14 -25.13
N ALA C 129 11.23 -1.36 -26.20
CA ALA C 129 9.93 -1.13 -26.86
C ALA C 129 9.73 -1.84 -28.22
N GLY C 130 10.68 -2.70 -28.58
CA GLY C 130 10.55 -3.62 -29.69
C GLY C 130 10.59 -3.02 -31.10
N LEU C 131 11.42 -1.98 -31.28
CA LEU C 131 11.71 -1.46 -32.62
C LEU C 131 12.76 -2.39 -33.16
N PRO C 132 13.14 -2.27 -34.45
CA PRO C 132 14.13 -3.19 -35.01
C PRO C 132 15.42 -3.31 -34.16
N THR C 133 16.00 -2.19 -33.78
CA THR C 133 17.25 -2.16 -33.00
C THR C 133 17.10 -2.37 -31.47
N SER C 134 15.86 -2.40 -30.97
CA SER C 134 15.58 -2.70 -29.56
C SER C 134 16.00 -4.13 -29.14
N ALA C 135 16.52 -4.26 -27.92
CA ALA C 135 16.86 -5.58 -27.33
C ALA C 135 15.67 -6.40 -26.79
N GLU C 136 14.57 -5.75 -26.51
CA GLU C 136 13.44 -6.41 -25.86
C GLU C 136 12.15 -5.80 -26.42
N ASP C 137 11.00 -6.45 -26.21
CA ASP C 137 9.69 -5.79 -26.41
C ASP C 137 8.69 -6.01 -25.29
N LYS C 138 8.59 -5.06 -24.35
CA LYS C 138 7.67 -5.21 -23.23
C LYS C 138 6.22 -5.30 -23.66
N GLY C 139 5.87 -4.63 -24.75
CA GLY C 139 4.48 -4.62 -25.22
C GLY C 139 3.98 -6.03 -25.56
N ALA C 140 4.83 -6.75 -26.31
CA ALA C 140 4.59 -8.13 -26.72
C ALA C 140 4.70 -9.15 -25.57
N GLN C 141 5.65 -8.93 -24.66
CA GLN C 141 5.78 -9.75 -23.47
C GLN C 141 4.50 -9.71 -22.60
N ALA C 142 3.95 -8.53 -22.43
CA ALA C 142 2.78 -8.31 -21.58
C ALA C 142 1.57 -9.04 -22.13
N THR C 143 1.43 -9.07 -23.47
CA THR C 143 0.31 -9.75 -24.11
C THR C 143 0.40 -11.26 -24.09
N VAL C 144 1.60 -11.79 -24.27
CA VAL C 144 1.79 -13.25 -24.10
C VAL C 144 1.40 -13.57 -22.68
N ALA C 145 1.97 -12.85 -21.71
CA ALA C 145 1.61 -13.02 -20.28
C ALA C 145 0.13 -12.95 -20.02
N ALA C 146 -0.53 -11.95 -20.58
CA ALA C 146 -1.98 -11.82 -20.44
C ALA C 146 -2.76 -13.06 -20.85
N LEU C 147 -2.43 -13.52 -22.04
CA LEU C 147 -3.12 -14.59 -22.69
C LEU C 147 -2.89 -15.89 -21.96
N ALA C 148 -1.63 -16.15 -21.59
CA ALA C 148 -1.29 -17.41 -20.92
C ALA C 148 -2.01 -17.49 -19.62
N THR C 149 -2.13 -16.37 -18.94
CA THR C 149 -2.74 -16.35 -17.61
C THR C 149 -4.25 -16.56 -17.75
N ALA C 150 -4.84 -16.05 -18.83
CA ALA C 150 -6.27 -16.22 -19.06
C ALA C 150 -6.61 -17.66 -19.39
N LEU C 151 -5.83 -18.25 -20.26
CA LEU C 151 -5.94 -19.69 -20.56
C LEU C 151 -5.84 -20.60 -19.34
N THR C 152 -4.81 -20.38 -18.52
CA THR C 152 -4.59 -21.11 -17.27
C THR C 152 -5.82 -21.00 -16.34
N LEU C 153 -6.32 -19.78 -16.14
CA LEU C 153 -7.50 -19.59 -15.32
C LEU C 153 -8.78 -20.25 -15.90
N ARG C 154 -8.97 -20.22 -17.23
CA ARG C 154 -10.05 -20.98 -17.92
C ARG C 154 -10.06 -22.46 -17.45
N GLU C 155 -8.87 -23.04 -17.44
CA GLU C 155 -8.61 -24.45 -17.08
C GLU C 155 -8.85 -24.67 -15.57
N LEU C 156 -8.29 -23.78 -14.76
CA LEU C 156 -8.43 -23.88 -13.31
C LEU C 156 -9.88 -23.74 -12.90
N ARG C 157 -10.68 -23.02 -13.67
CA ARG C 157 -12.05 -22.76 -13.27
C ARG C 157 -13.05 -23.80 -13.81
N ALA C 158 -14.33 -23.58 -13.54
CA ALA C 158 -15.37 -24.56 -13.78
C ALA C 158 -15.63 -24.77 -15.26
N HIS C 159 -15.33 -25.98 -15.73
CA HIS C 159 -15.73 -26.48 -17.06
C HIS C 159 -16.32 -27.91 -16.92
N SER C 160 -16.68 -28.54 -18.06
CA SER C 160 -17.28 -29.90 -18.10
C SER C 160 -16.23 -31.07 -17.96
N ALA D 15 -17.07 18.43 -24.64
CA ALA D 15 -17.09 17.87 -23.25
C ALA D 15 -18.21 18.45 -22.41
N SER D 16 -19.09 19.18 -23.06
CA SER D 16 -20.06 20.03 -22.39
C SER D 16 -20.80 19.49 -21.17
N GLY D 17 -21.15 18.20 -21.21
CA GLY D 17 -22.07 17.65 -20.22
C GLY D 17 -21.39 16.71 -19.25
N VAL D 18 -20.07 16.84 -19.05
CA VAL D 18 -19.41 16.13 -17.95
C VAL D 18 -19.42 17.02 -16.72
N ARG D 19 -19.71 16.41 -15.57
CA ARG D 19 -19.68 17.09 -14.32
C ARG D 19 -18.30 17.00 -13.71
N LEU D 20 -17.66 18.15 -13.64
CA LEU D 20 -16.30 18.30 -13.19
C LEU D 20 -16.19 18.99 -11.86
N ALA D 21 -15.29 18.42 -11.05
CA ALA D 21 -14.92 18.99 -9.77
C ALA D 21 -13.39 19.13 -9.65
N ILE D 22 -12.94 20.19 -8.99
CA ILE D 22 -11.53 20.52 -8.79
C ILE D 22 -11.32 20.76 -7.32
N VAL D 23 -10.44 19.99 -6.71
CA VAL D 23 -10.16 20.22 -5.29
C VAL D 23 -8.74 20.67 -5.21
N ALA D 24 -8.48 21.89 -4.80
CA ALA D 24 -7.10 22.35 -4.69
C ALA D 24 -6.66 22.63 -3.22
N SER D 25 -5.53 22.12 -2.79
CA SER D 25 -5.03 22.52 -1.45
C SER D 25 -4.45 23.97 -1.47
N SER D 26 -4.09 24.52 -0.33
CA SER D 26 -3.71 25.93 -0.23
C SER D 26 -2.29 26.25 0.28
N TRP D 27 -1.52 25.27 0.73
CA TRP D 27 -0.07 25.43 0.98
C TRP D 27 0.67 25.83 -0.32
N HIS D 28 1.56 26.83 -0.23
CA HIS D 28 2.26 27.47 -1.36
C HIS D 28 1.17 27.98 -2.28
N GLY D 29 0.41 28.89 -1.71
CA GLY D 29 -0.89 29.26 -2.20
C GLY D 29 -0.82 30.00 -3.49
N LYS D 30 0.29 30.69 -3.74
CA LYS D 30 0.55 31.36 -5.01
C LYS D 30 0.68 30.34 -6.16
N ILE D 31 1.40 29.24 -5.91
CA ILE D 31 1.50 28.18 -6.91
C ILE D 31 0.15 27.43 -7.15
N CYS D 32 -0.58 27.13 -6.07
CA CYS D 32 -1.91 26.50 -6.14
C CYS D 32 -2.95 27.29 -6.96
N ASP D 33 -2.97 28.57 -6.77
CA ASP D 33 -3.84 29.43 -7.53
C ASP D 33 -3.51 29.42 -9.04
N ALA D 34 -2.25 29.30 -9.38
CA ALA D 34 -1.82 29.20 -10.77
C ALA D 34 -2.22 27.86 -11.44
N LEU D 35 -2.10 26.76 -10.70
CA LEU D 35 -2.57 25.46 -11.16
C LEU D 35 -4.10 25.44 -11.38
N LEU D 36 -4.79 26.03 -10.42
CA LEU D 36 -6.23 26.15 -10.48
C LEU D 36 -6.62 27.05 -11.64
N ASP D 37 -5.86 28.10 -11.83
CA ASP D 37 -6.11 28.96 -12.95
C ASP D 37 -6.10 28.24 -14.31
N GLY D 38 -5.13 27.34 -14.51
CA GLY D 38 -4.98 26.56 -15.73
C GLY D 38 -6.04 25.48 -15.92
N ALA D 39 -6.37 24.81 -14.80
CA ALA D 39 -7.52 23.88 -14.75
C ALA D 39 -8.85 24.61 -15.11
N ARG D 40 -9.02 25.85 -14.66
CA ARG D 40 -10.28 26.55 -14.81
C ARG D 40 -10.41 26.98 -16.24
N LYS D 41 -9.31 27.40 -16.83
CA LYS D 41 -9.27 27.79 -18.25
C LYS D 41 -9.50 26.59 -19.15
N VAL D 42 -8.90 25.45 -18.85
CA VAL D 42 -9.11 24.24 -19.64
C VAL D 42 -10.58 23.82 -19.55
N ALA D 43 -11.10 23.82 -18.34
CA ALA D 43 -12.50 23.55 -18.07
C ALA D 43 -13.41 24.45 -18.94
N ALA D 44 -13.16 25.75 -18.89
CA ALA D 44 -13.98 26.72 -19.61
C ALA D 44 -13.83 26.58 -21.14
N GLY D 45 -12.64 26.17 -21.58
CA GLY D 45 -12.38 25.95 -22.99
C GLY D 45 -13.19 24.79 -23.58
N CYS D 46 -13.40 23.72 -22.82
CA CYS D 46 -14.23 22.59 -23.24
C CYS D 46 -15.72 22.75 -22.88
N GLY D 47 -16.15 23.95 -22.57
CA GLY D 47 -17.56 24.23 -22.40
C GLY D 47 -18.10 24.09 -21.00
N LEU D 48 -17.23 23.90 -20.01
CA LEU D 48 -17.61 23.87 -18.60
C LEU D 48 -17.22 25.19 -17.88
N ASP D 49 -18.20 26.08 -17.71
CA ASP D 49 -18.01 27.42 -17.16
C ASP D 49 -18.03 27.45 -15.61
N ASP D 50 -18.69 26.49 -14.98
CA ASP D 50 -18.73 26.51 -13.52
C ASP D 50 -18.58 25.10 -12.92
N PRO D 51 -17.38 24.53 -13.00
CA PRO D 51 -17.11 23.29 -12.26
C PRO D 51 -17.26 23.55 -10.79
N THR D 52 -17.50 22.48 -10.06
CA THR D 52 -17.48 22.50 -8.62
C THR D 52 -16.02 22.73 -8.15
N VAL D 53 -15.71 23.84 -7.48
CA VAL D 53 -14.35 24.06 -6.97
C VAL D 53 -14.33 24.07 -5.43
N VAL D 54 -13.40 23.34 -4.85
CA VAL D 54 -13.23 23.26 -3.39
C VAL D 54 -11.78 23.40 -3.03
N ARG D 55 -11.55 24.22 -2.02
CA ARG D 55 -10.22 24.47 -1.48
C ARG D 55 -10.09 23.76 -0.12
N VAL D 56 -8.99 23.05 0.06
CA VAL D 56 -8.63 22.49 1.36
C VAL D 56 -7.27 23.06 1.82
N LEU D 57 -6.87 22.73 3.03
CA LEU D 57 -5.67 23.37 3.57
C LEU D 57 -4.41 22.74 2.98
N GLY D 58 -4.35 21.42 3.01
CA GLY D 58 -3.14 20.68 2.77
C GLY D 58 -3.40 19.48 1.88
N ALA D 59 -2.41 19.08 1.10
CA ALA D 59 -2.58 17.98 0.13
C ALA D 59 -3.18 16.73 0.75
N ILE D 60 -2.92 16.52 2.02
CA ILE D 60 -3.37 15.31 2.70
C ILE D 60 -4.87 15.23 2.83
N GLU D 61 -5.45 16.40 2.96
CA GLU D 61 -6.90 16.56 2.93
C GLU D 61 -7.54 16.29 1.55
N ILE D 62 -6.78 16.25 0.49
CA ILE D 62 -7.40 16.09 -0.81
C ILE D 62 -8.30 14.82 -0.99
N PRO D 63 -7.87 13.63 -0.54
CA PRO D 63 -8.61 12.41 -0.89
C PRO D 63 -10.03 12.26 -0.27
N VAL D 64 -10.21 12.70 0.95
CA VAL D 64 -11.51 12.55 1.58
C VAL D 64 -12.51 13.57 1.02
N VAL D 65 -12.03 14.72 0.61
CA VAL D 65 -12.90 15.68 -0.06
C VAL D 65 -13.17 15.18 -1.52
N ALA D 66 -12.18 14.56 -2.12
CA ALA D 66 -12.26 14.04 -3.49
C ALA D 66 -13.22 12.84 -3.55
N GLN D 67 -13.17 12.00 -2.54
CA GLN D 67 -14.15 10.92 -2.36
C GLN D 67 -15.59 11.44 -2.28
N GLU D 68 -15.78 12.55 -1.60
CA GLU D 68 -17.11 13.11 -1.51
C GLU D 68 -17.46 13.71 -2.87
N LEU D 69 -16.51 14.36 -3.52
CA LEU D 69 -16.83 15.00 -4.77
C LEU D 69 -17.18 14.00 -5.83
N ALA D 70 -16.56 12.83 -5.75
CA ALA D 70 -16.77 11.71 -6.71
C ALA D 70 -18.18 11.09 -6.63
N ARG D 71 -18.81 11.14 -5.46
CA ARG D 71 -20.23 10.83 -5.36
C ARG D 71 -21.11 11.55 -6.41
N ASN D 72 -20.81 12.82 -6.70
CA ASN D 72 -21.68 13.73 -7.46
C ASN D 72 -21.11 14.23 -8.82
N HIS D 73 -19.94 13.75 -9.23
CA HIS D 73 -19.21 14.19 -10.39
C HIS D 73 -18.67 12.98 -11.17
N ASP D 74 -18.43 13.18 -12.47
CA ASP D 74 -17.78 12.21 -13.35
C ASP D 74 -16.25 12.22 -13.34
N ALA D 75 -15.67 13.37 -13.00
CA ALA D 75 -14.20 13.51 -12.85
C ALA D 75 -13.87 14.46 -11.70
N VAL D 76 -12.69 14.26 -11.12
CA VAL D 76 -12.19 15.13 -10.09
C VAL D 76 -10.73 15.43 -10.36
N VAL D 77 -10.33 16.68 -10.14
CA VAL D 77 -8.95 17.10 -10.39
C VAL D 77 -8.33 17.47 -9.05
N ALA D 78 -7.23 16.83 -8.68
CA ALA D 78 -6.63 17.09 -7.39
C ALA D 78 -5.45 18.04 -7.60
N LEU D 79 -5.52 19.27 -7.03
CA LEU D 79 -4.45 20.25 -7.22
C LEU D 79 -3.71 20.54 -5.92
N GLY D 80 -2.42 20.80 -6.06
CA GLY D 80 -1.60 21.12 -4.89
C GLY D 80 -0.10 21.07 -5.13
N VAL D 81 0.65 21.32 -4.08
CA VAL D 81 2.07 21.51 -4.18
C VAL D 81 2.75 21.03 -2.90
N VAL D 82 3.49 19.94 -2.96
CA VAL D 82 4.28 19.55 -1.84
C VAL D 82 5.73 19.78 -2.17
N ILE D 83 6.45 20.49 -1.31
CA ILE D 83 7.88 20.75 -1.55
C ILE D 83 8.75 20.26 -0.40
N ARG D 84 9.86 19.61 -0.77
CA ARG D 84 10.74 18.95 0.17
C ARG D 84 11.45 19.92 1.11
N GLY D 85 11.46 19.57 2.41
CA GLY D 85 12.15 20.32 3.46
C GLY D 85 13.36 19.61 4.02
N GLN D 86 13.56 19.71 5.33
CA GLN D 86 14.76 19.21 5.97
C GLN D 86 14.58 17.82 6.58
N THR D 87 13.31 17.41 6.76
CA THR D 87 12.91 16.09 7.32
C THR D 87 12.40 15.10 6.24
N PRO D 88 12.15 13.85 6.65
CA PRO D 88 11.47 12.84 5.82
C PRO D 88 9.97 13.02 5.60
N HIS D 89 9.35 14.05 6.15
CA HIS D 89 7.91 14.26 6.12
C HIS D 89 7.40 14.38 4.68
N PHE D 90 8.23 14.94 3.83
CA PHE D 90 7.88 15.09 2.42
C PHE D 90 7.47 13.72 1.83
N ASP D 91 8.22 12.64 2.14
CA ASP D 91 7.86 11.34 1.55
C ASP D 91 6.57 10.78 2.10
N TYR D 92 6.25 10.98 3.38
CA TYR D 92 4.99 10.39 3.89
C TYR D 92 3.76 11.17 3.46
N VAL D 93 3.94 12.46 3.22
CA VAL D 93 2.88 13.29 2.71
C VAL D 93 2.59 12.85 1.33
N CYS D 94 3.65 12.73 0.53
CA CYS D 94 3.47 12.28 -0.86
C CYS D 94 2.87 10.87 -0.94
N ASP D 95 3.29 9.97 -0.04
CA ASP D 95 2.76 8.60 0.04
C ASP D 95 1.25 8.63 0.32
N ALA D 96 0.82 9.34 1.35
CA ALA D 96 -0.62 9.43 1.64
C ALA D 96 -1.46 9.94 0.47
N VAL D 97 -1.04 11.03 -0.16
CA VAL D 97 -1.72 11.56 -1.36
C VAL D 97 -1.84 10.48 -2.45
N THR D 98 -0.73 9.86 -2.79
CA THR D 98 -0.74 8.87 -3.88
C THR D 98 -1.73 7.68 -3.58
N GLN D 99 -1.53 7.10 -2.41
CA GLN D 99 -2.40 6.03 -1.87
C GLN D 99 -3.87 6.39 -1.81
N GLY D 100 -4.18 7.58 -1.34
CA GLY D 100 -5.55 7.95 -1.09
C GLY D 100 -6.35 8.18 -2.35
N LEU D 101 -5.76 8.90 -3.32
CA LEU D 101 -6.37 9.22 -4.63
C LEU D 101 -6.61 8.02 -5.54
N THR D 102 -5.63 7.10 -5.58
CA THR D 102 -5.76 5.89 -6.34
C THR D 102 -6.92 5.11 -5.76
N ARG D 103 -6.93 4.95 -4.44
CA ARG D 103 -8.04 4.26 -3.80
C ARG D 103 -9.39 4.90 -4.15
N VAL D 104 -9.50 6.19 -4.03
CA VAL D 104 -10.75 6.87 -4.26
C VAL D 104 -11.16 6.63 -5.70
N SER D 105 -10.23 6.65 -6.64
CA SER D 105 -10.57 6.54 -8.03
C SER D 105 -11.19 5.17 -8.28
N LEU D 106 -10.65 4.11 -7.66
CA LEU D 106 -11.11 2.75 -7.93
C LEU D 106 -12.38 2.38 -7.18
N ASP D 107 -12.55 2.91 -5.95
CA ASP D 107 -13.76 2.70 -5.16
C ASP D 107 -14.91 3.37 -5.84
N SER D 108 -14.66 4.48 -6.53
CA SER D 108 -15.77 5.30 -7.06
C SER D 108 -15.87 5.12 -8.59
N SER D 109 -14.95 4.32 -9.12
CA SER D 109 -14.83 4.10 -10.54
C SER D 109 -14.91 5.41 -11.34
N THR D 110 -14.32 6.47 -10.78
CA THR D 110 -14.28 7.79 -11.32
C THR D 110 -12.81 8.22 -11.48
N PRO D 111 -12.43 8.82 -12.61
CA PRO D 111 -11.10 9.38 -12.74
C PRO D 111 -10.74 10.44 -11.68
N ILE D 112 -9.57 10.34 -11.05
CA ILE D 112 -9.07 11.41 -10.21
C ILE D 112 -7.70 11.79 -10.72
N ALA D 113 -7.61 12.96 -11.36
CA ALA D 113 -6.37 13.38 -11.94
C ALA D 113 -5.43 13.92 -10.82
N ASN D 114 -4.19 13.43 -10.81
CA ASN D 114 -3.19 13.84 -9.85
C ASN D 114 -2.52 15.04 -10.48
N GLY D 115 -2.83 16.22 -9.96
CA GLY D 115 -2.16 17.44 -10.36
C GLY D 115 -1.48 18.04 -9.16
N VAL D 116 -0.98 17.18 -8.27
CA VAL D 116 -0.24 17.59 -7.10
C VAL D 116 1.23 17.51 -7.42
N LEU D 117 1.87 18.68 -7.39
CA LEU D 117 3.29 18.77 -7.67
C LEU D 117 4.03 18.34 -6.42
N THR D 118 5.06 17.54 -6.64
CA THR D 118 5.93 17.05 -5.63
C THR D 118 7.35 17.41 -6.13
N THR D 119 7.90 18.54 -5.68
CA THR D 119 9.23 18.97 -6.11
C THR D 119 10.25 19.00 -4.96
N ASN D 120 11.52 19.29 -5.29
CA ASN D 120 12.61 19.43 -4.30
C ASN D 120 12.75 20.88 -3.91
N THR D 121 12.60 21.77 -4.89
CA THR D 121 12.69 23.23 -4.70
C THR D 121 11.41 24.00 -5.15
N GLU D 122 11.32 25.21 -4.67
CA GLU D 122 10.24 26.09 -5.04
C GLU D 122 10.35 26.50 -6.55
N GLU D 123 11.56 26.61 -7.08
CA GLU D 123 11.79 26.94 -8.50
C GLU D 123 11.27 25.87 -9.43
N GLN D 124 11.47 24.61 -9.05
CA GLN D 124 10.90 23.52 -9.83
C GLN D 124 9.38 23.57 -9.86
N ALA D 125 8.74 23.93 -8.73
CA ALA D 125 7.26 23.96 -8.73
C ALA D 125 6.80 25.14 -9.54
N LEU D 126 7.53 26.25 -9.46
CA LEU D 126 7.16 27.46 -10.19
C LEU D 126 7.16 27.21 -11.68
N ASP D 127 8.00 26.27 -12.09
CA ASP D 127 8.24 25.95 -13.49
C ASP D 127 7.20 24.97 -14.11
N ARG D 128 6.36 24.35 -13.27
CA ARG D 128 5.41 23.35 -13.68
C ARG D 128 3.98 23.79 -13.33
N ALA D 129 3.80 25.08 -12.99
CA ALA D 129 2.49 25.62 -12.61
C ALA D 129 1.84 26.56 -13.66
N GLY D 130 2.50 26.75 -14.80
CA GLY D 130 1.90 27.42 -15.94
C GLY D 130 1.75 28.92 -15.80
N LEU D 131 2.67 29.53 -15.04
CA LEU D 131 2.89 30.97 -14.97
C LEU D 131 3.58 31.43 -16.26
N PRO D 132 3.76 32.76 -16.44
CA PRO D 132 4.26 33.33 -17.71
C PRO D 132 5.52 32.68 -18.33
N THR D 133 6.52 32.45 -17.48
CA THR D 133 7.82 31.88 -17.89
C THR D 133 7.96 30.35 -17.58
N SER D 134 6.90 29.72 -17.06
CA SER D 134 6.96 28.30 -16.72
C SER D 134 7.07 27.43 -17.99
N ALA D 135 7.89 26.38 -17.89
CA ALA D 135 8.02 25.33 -18.90
C ALA D 135 6.72 24.50 -19.15
N GLU D 136 5.90 24.29 -18.11
CA GLU D 136 4.60 23.58 -18.24
C GLU D 136 3.51 24.00 -17.24
N ASP D 137 2.31 23.48 -17.44
CA ASP D 137 1.18 23.67 -16.52
C ASP D 137 0.54 22.36 -16.18
N LYS D 138 0.89 21.79 -15.03
CA LYS D 138 0.32 20.48 -14.59
C LYS D 138 -1.15 20.56 -14.24
N GLY D 139 -1.58 21.73 -13.78
CA GLY D 139 -2.95 21.97 -13.46
C GLY D 139 -3.77 21.72 -14.70
N ALA D 140 -3.32 22.34 -15.79
CA ALA D 140 -3.95 22.18 -17.04
C ALA D 140 -3.90 20.75 -17.52
N GLN D 141 -2.77 20.06 -17.37
CA GLN D 141 -2.67 18.68 -17.81
C GLN D 141 -3.54 17.77 -17.02
N ALA D 142 -3.63 18.02 -15.72
CA ALA D 142 -4.49 17.19 -14.84
C ALA D 142 -5.96 17.27 -15.26
N THR D 143 -6.42 18.44 -15.65
CA THR D 143 -7.81 18.65 -16.09
C THR D 143 -8.10 18.00 -17.46
N VAL D 144 -7.24 18.28 -18.42
CA VAL D 144 -7.21 17.53 -19.67
C VAL D 144 -7.38 16.00 -19.43
N ALA D 145 -6.59 15.43 -18.52
CA ALA D 145 -6.58 13.98 -18.36
C ALA D 145 -7.87 13.44 -17.77
N ALA D 146 -8.39 14.18 -16.82
CA ALA D 146 -9.63 13.89 -16.16
C ALA D 146 -10.84 14.02 -17.08
N LEU D 147 -10.91 15.08 -17.86
CA LEU D 147 -12.04 15.19 -18.83
C LEU D 147 -12.00 14.09 -19.91
N ALA D 148 -10.80 13.86 -20.47
CA ALA D 148 -10.58 12.83 -21.48
C ALA D 148 -10.99 11.43 -21.02
N THR D 149 -10.61 11.07 -19.81
CA THR D 149 -10.95 9.80 -19.23
C THR D 149 -12.46 9.65 -18.93
N ALA D 150 -13.08 10.71 -18.44
CA ALA D 150 -14.49 10.70 -18.18
C ALA D 150 -15.28 10.43 -19.47
N LEU D 151 -14.77 10.92 -20.62
CA LEU D 151 -15.44 10.85 -21.95
C LEU D 151 -15.31 9.43 -22.45
N THR D 152 -14.13 8.87 -22.21
CA THR D 152 -13.81 7.52 -22.62
C THR D 152 -14.70 6.47 -21.93
N LEU D 153 -14.75 6.57 -20.61
CA LEU D 153 -15.62 5.74 -19.78
C LEU D 153 -17.11 5.88 -20.14
N ARG D 154 -17.55 7.10 -20.43
CA ARG D 154 -18.91 7.35 -20.89
C ARG D 154 -19.16 6.43 -22.06
N GLU D 155 -18.22 6.39 -23.02
CA GLU D 155 -18.39 5.61 -24.24
C GLU D 155 -18.33 4.10 -24.00
N LEU D 156 -17.33 3.69 -23.24
CA LEU D 156 -17.15 2.32 -22.83
C LEU D 156 -18.38 1.78 -22.07
N ARG D 157 -19.04 2.63 -21.26
CA ARG D 157 -20.18 2.23 -20.43
C ARG D 157 -21.52 2.23 -21.21
N ALA D 158 -22.59 1.81 -20.56
CA ALA D 158 -23.86 1.58 -21.26
C ALA D 158 -24.60 2.83 -21.77
N HIS D 159 -25.00 2.80 -23.05
CA HIS D 159 -25.84 3.83 -23.70
C HIS D 159 -26.55 3.16 -24.89
N SER D 160 -27.29 3.95 -25.69
CA SER D 160 -28.17 3.47 -26.78
C SER D 160 -27.38 2.93 -27.94
N ALA E 15 -18.21 26.81 13.22
CA ALA E 15 -16.99 26.23 13.86
C ALA E 15 -17.39 25.45 15.11
N SER E 16 -18.20 26.16 15.90
CA SER E 16 -18.70 25.73 17.20
C SER E 16 -19.47 24.42 17.25
N GLY E 17 -20.12 23.98 16.15
CA GLY E 17 -20.93 22.76 16.19
C GLY E 17 -20.26 21.45 15.78
N VAL E 18 -18.96 21.49 15.45
CA VAL E 18 -18.24 20.28 15.07
C VAL E 18 -17.77 19.44 16.25
N ARG E 19 -17.82 18.12 16.06
CA ARG E 19 -17.42 17.12 17.05
C ARG E 19 -15.98 16.64 16.73
N LEU E 20 -15.03 16.99 17.61
CA LEU E 20 -13.63 16.81 17.36
C LEU E 20 -13.04 15.88 18.41
N ALA E 21 -12.14 15.02 17.94
CA ALA E 21 -11.37 14.09 18.75
C ALA E 21 -9.88 14.26 18.42
N ILE E 22 -9.04 14.07 19.41
CA ILE E 22 -7.60 14.17 19.29
C ILE E 22 -7.08 12.89 19.96
N VAL E 23 -6.26 12.16 19.21
CA VAL E 23 -5.50 11.01 19.73
C VAL E 23 -4.00 11.30 19.63
N ALA E 24 -3.34 11.34 20.79
CA ALA E 24 -1.93 11.65 20.87
C ALA E 24 -1.15 10.51 21.51
N SER E 25 -0.12 10.00 20.82
CA SER E 25 0.78 8.99 21.41
C SER E 25 1.66 9.66 22.47
N SER E 26 2.45 8.87 23.20
CA SER E 26 3.24 9.35 24.36
C SER E 26 4.73 9.12 24.18
N TRP E 27 5.16 8.44 23.13
CA TRP E 27 6.57 8.25 22.88
C TRP E 27 7.14 9.65 22.58
N HIS E 28 8.28 9.99 23.19
CA HIS E 28 8.80 11.37 23.29
C HIS E 28 7.76 12.27 23.91
N GLY E 29 7.38 11.92 25.14
CA GLY E 29 6.26 12.49 25.82
C GLY E 29 6.24 14.01 25.84
N LYS E 30 7.41 14.63 26.02
CA LYS E 30 7.52 16.10 26.21
C LYS E 30 6.94 16.83 24.97
N ILE E 31 7.37 16.33 23.81
CA ILE E 31 7.03 16.87 22.50
C ILE E 31 5.56 16.61 22.27
N CYS E 32 5.13 15.37 22.56
CA CYS E 32 3.73 14.96 22.49
C CYS E 32 2.78 15.90 23.23
N ASP E 33 3.21 16.31 24.40
CA ASP E 33 2.44 17.22 25.20
C ASP E 33 2.44 18.65 24.63
N ALA E 34 3.57 19.09 24.08
CA ALA E 34 3.62 20.37 23.38
C ALA E 34 2.70 20.38 22.12
N LEU E 35 2.68 19.33 21.30
CA LEU E 35 1.72 19.22 20.19
C LEU E 35 0.24 19.27 20.62
N LEU E 36 -0.07 18.59 21.72
CA LEU E 36 -1.43 18.49 22.19
C LEU E 36 -1.90 19.85 22.76
N ASP E 37 -0.97 20.57 23.37
CA ASP E 37 -1.24 21.91 23.84
C ASP E 37 -1.69 22.81 22.67
N GLY E 38 -1.03 22.75 21.51
CA GLY E 38 -1.40 23.64 20.43
C GLY E 38 -2.72 23.19 19.75
N ALA E 39 -2.98 21.88 19.67
CA ALA E 39 -4.27 21.38 19.17
C ALA E 39 -5.53 21.80 20.03
N ARG E 40 -5.42 21.68 21.37
CA ARG E 40 -6.43 22.10 22.36
C ARG E 40 -6.79 23.57 22.30
N LYS E 41 -5.75 24.39 22.33
CA LYS E 41 -5.85 25.83 22.22
C LYS E 41 -6.53 26.27 20.91
N VAL E 42 -6.14 25.63 19.80
CA VAL E 42 -6.80 25.88 18.53
C VAL E 42 -8.26 25.52 18.71
N ALA E 43 -8.51 24.35 19.24
CA ALA E 43 -9.91 23.94 19.43
C ALA E 43 -10.70 24.90 20.28
N ALA E 44 -10.14 25.33 21.40
CA ALA E 44 -10.85 26.21 22.33
C ALA E 44 -11.14 27.61 21.76
N GLY E 45 -10.27 28.11 20.89
CA GLY E 45 -10.49 29.39 20.25
C GLY E 45 -11.50 29.33 19.10
N CYS E 46 -11.83 28.13 18.69
CA CYS E 46 -12.84 27.91 17.67
C CYS E 46 -14.18 27.59 18.24
N GLY E 47 -14.30 27.59 19.58
CA GLY E 47 -15.56 27.31 20.25
C GLY E 47 -15.69 25.91 20.89
N LEU E 48 -14.67 25.08 20.70
CA LEU E 48 -14.66 23.68 21.17
C LEU E 48 -13.83 23.43 22.48
N ASP E 49 -14.46 23.57 23.64
CA ASP E 49 -13.70 23.41 24.91
C ASP E 49 -13.50 21.97 25.38
N ASP E 50 -14.30 21.04 24.86
CA ASP E 50 -14.27 19.64 25.34
C ASP E 50 -14.27 18.68 24.17
N PRO E 51 -13.16 18.72 23.41
CA PRO E 51 -12.84 17.69 22.44
C PRO E 51 -12.51 16.41 23.15
N THR E 52 -12.87 15.29 22.51
CA THR E 52 -12.47 14.00 22.99
C THR E 52 -10.96 13.81 22.81
N VAL E 53 -10.24 13.68 23.91
CA VAL E 53 -8.81 13.48 23.88
C VAL E 53 -8.44 12.10 24.42
N VAL E 54 -7.69 11.37 23.62
CA VAL E 54 -7.24 10.05 23.98
C VAL E 54 -5.72 9.96 23.85
N ARG E 55 -5.09 9.25 24.78
CA ARG E 55 -3.65 8.96 24.65
C ARG E 55 -3.41 7.49 24.41
N VAL E 56 -2.40 7.25 23.57
CA VAL E 56 -1.93 5.93 23.25
C VAL E 56 -0.42 5.90 23.51
N LEU E 57 0.15 4.71 23.52
CA LEU E 57 1.55 4.57 23.87
C LEU E 57 2.40 5.03 22.67
N GLY E 58 2.28 4.36 21.54
CA GLY E 58 2.99 4.78 20.36
C GLY E 58 2.10 5.08 19.16
N ALA E 59 2.73 5.68 18.15
CA ALA E 59 2.11 6.05 16.89
C ALA E 59 1.42 4.90 16.08
N ILE E 60 1.96 3.71 16.20
CA ILE E 60 1.35 2.58 15.55
C ILE E 60 -0.06 2.29 16.09
N GLU E 61 -0.30 2.64 17.36
CA GLU E 61 -1.59 2.40 18.02
C GLU E 61 -2.59 3.46 17.59
N ILE E 62 -2.12 4.55 16.96
CA ILE E 62 -3.06 5.63 16.62
C ILE E 62 -4.20 5.22 15.67
N PRO E 63 -3.92 4.59 14.55
CA PRO E 63 -5.01 4.32 13.58
C PRO E 63 -6.24 3.58 14.13
N VAL E 64 -6.02 2.48 14.84
CA VAL E 64 -7.13 1.70 15.42
C VAL E 64 -7.97 2.54 16.45
N VAL E 65 -7.30 3.44 17.16
CA VAL E 65 -8.02 4.35 18.04
C VAL E 65 -8.71 5.46 17.24
N ALA E 66 -8.05 5.92 16.19
CA ALA E 66 -8.66 6.88 15.30
C ALA E 66 -9.90 6.32 14.64
N GLN E 67 -9.89 5.04 14.30
CA GLN E 67 -11.05 4.40 13.70
C GLN E 67 -12.26 4.40 14.65
N GLU E 68 -12.01 4.07 15.91
CA GLU E 68 -13.07 4.02 16.87
C GLU E 68 -13.67 5.43 17.03
N LEU E 69 -12.81 6.44 17.14
CA LEU E 69 -13.26 7.82 17.27
C LEU E 69 -14.01 8.39 16.08
N ALA E 70 -13.75 7.88 14.90
CA ALA E 70 -14.35 8.47 13.72
C ALA E 70 -15.74 7.94 13.55
N ARG E 71 -16.10 6.89 14.26
CA ARG E 71 -17.45 6.41 14.23
C ARG E 71 -18.39 7.49 14.68
N ASN E 72 -18.03 8.31 15.66
CA ASN E 72 -18.93 9.40 16.09
C ASN E 72 -18.28 10.78 16.38
N HIS E 73 -17.34 11.18 15.55
CA HIS E 73 -16.88 12.54 15.52
C HIS E 73 -16.77 12.97 14.08
N ASP E 74 -16.85 14.27 13.84
CA ASP E 74 -16.71 14.82 12.51
C ASP E 74 -15.24 14.85 11.98
N ALA E 75 -14.31 14.81 12.92
CA ALA E 75 -12.89 14.79 12.61
C ALA E 75 -12.06 14.36 13.81
N VAL E 76 -10.88 13.83 13.47
CA VAL E 76 -9.92 13.23 14.38
C VAL E 76 -8.57 13.89 14.04
N VAL E 77 -7.83 14.30 15.06
CA VAL E 77 -6.51 14.82 14.87
C VAL E 77 -5.60 13.77 15.49
N ALA E 78 -4.66 13.30 14.68
CA ALA E 78 -3.69 12.29 15.06
C ALA E 78 -2.40 12.97 15.38
N LEU E 79 -1.97 12.93 16.61
CA LEU E 79 -0.69 13.60 16.96
C LEU E 79 0.31 12.61 17.50
N GLY E 80 1.59 12.89 17.24
CA GLY E 80 2.73 12.14 17.74
C GLY E 80 4.11 12.55 17.18
N VAL E 81 5.16 11.83 17.59
CA VAL E 81 6.54 12.18 17.25
C VAL E 81 7.26 10.88 16.95
N VAL E 82 7.77 10.72 15.75
CA VAL E 82 8.65 9.61 15.43
C VAL E 82 9.98 10.19 15.07
N ILE E 83 11.06 9.65 15.63
CA ILE E 83 12.41 10.15 15.33
C ILE E 83 13.31 9.00 14.92
N ARG E 84 13.91 9.06 13.73
CA ARG E 84 14.91 8.07 13.22
C ARG E 84 16.06 7.72 14.23
N GLY E 85 16.22 6.41 14.46
CA GLY E 85 17.26 5.82 15.26
C GLY E 85 18.28 5.22 14.32
N GLN E 86 18.83 4.08 14.72
CA GLN E 86 19.99 3.45 14.12
C GLN E 86 19.66 2.41 13.03
N THR E 87 18.40 2.02 12.95
CA THR E 87 17.91 0.92 12.10
C THR E 87 16.83 1.45 11.14
N PRO E 88 16.34 0.62 10.21
CA PRO E 88 15.20 0.98 9.39
C PRO E 88 13.90 0.98 10.14
N HIS E 89 13.80 0.64 11.43
CA HIS E 89 12.50 0.57 12.08
C HIS E 89 11.68 1.85 11.91
N PHE E 90 12.38 2.98 11.83
CA PHE E 90 11.73 4.27 11.73
C PHE E 90 10.85 4.31 10.49
N ASP E 91 11.40 3.85 9.37
CA ASP E 91 10.71 3.81 8.09
C ASP E 91 9.44 3.00 8.12
N TYR E 92 9.48 1.82 8.75
CA TYR E 92 8.28 0.98 8.86
C TYR E 92 7.27 1.53 9.83
N VAL E 93 7.71 2.09 10.93
CA VAL E 93 6.74 2.78 11.81
C VAL E 93 6.00 3.92 11.05
N CYS E 94 6.76 4.74 10.34
CA CYS E 94 6.16 5.80 9.50
C CYS E 94 5.27 5.28 8.32
N ASP E 95 5.66 4.19 7.66
CA ASP E 95 4.79 3.60 6.62
C ASP E 95 3.43 3.20 7.24
N ALA E 96 3.45 2.57 8.42
CA ALA E 96 2.29 1.98 9.01
C ALA E 96 1.36 3.02 9.41
N VAL E 97 1.81 4.10 10.08
CA VAL E 97 0.96 5.25 10.44
C VAL E 97 0.33 5.98 9.21
N THR E 98 1.16 6.24 8.18
CA THR E 98 0.69 6.85 6.95
C THR E 98 -0.42 6.00 6.34
N GLN E 99 -0.23 4.70 6.34
CA GLN E 99 -1.11 3.76 5.66
C GLN E 99 -2.43 3.62 6.44
N GLY E 100 -2.31 3.59 7.76
CA GLY E 100 -3.47 3.44 8.61
C GLY E 100 -4.41 4.61 8.64
N LEU E 101 -3.81 5.79 8.79
CA LEU E 101 -4.56 7.05 8.79
C LEU E 101 -5.35 7.37 7.50
N THR E 102 -4.74 7.08 6.36
CA THR E 102 -5.34 7.27 5.04
C THR E 102 -6.51 6.33 4.87
N ARG E 103 -6.27 5.04 5.11
CA ARG E 103 -7.39 4.10 5.18
C ARG E 103 -8.50 4.49 6.19
N VAL E 104 -8.19 4.89 7.42
CA VAL E 104 -9.27 5.20 8.35
C VAL E 104 -10.06 6.40 7.86
N SER E 105 -9.43 7.39 7.21
CA SER E 105 -10.16 8.57 6.80
C SER E 105 -11.12 8.20 5.75
N LEU E 106 -10.73 7.32 4.84
CA LEU E 106 -11.55 6.98 3.70
C LEU E 106 -12.68 5.96 3.97
N ASP E 107 -12.44 4.93 4.78
CA ASP E 107 -13.52 4.05 5.31
C ASP E 107 -14.61 4.84 6.02
N SER E 108 -14.20 5.80 6.85
CA SER E 108 -15.10 6.61 7.64
C SER E 108 -15.57 7.87 6.96
N SER E 109 -15.01 8.17 5.79
CA SER E 109 -15.33 9.44 5.10
C SER E 109 -15.24 10.63 6.08
N THR E 110 -14.24 10.61 6.94
CA THR E 110 -13.98 11.60 7.99
C THR E 110 -12.53 12.09 7.83
N PRO E 111 -12.26 13.38 7.91
CA PRO E 111 -10.88 13.84 7.90
C PRO E 111 -10.07 13.38 9.11
N ILE E 112 -8.86 12.87 8.85
CA ILE E 112 -7.95 12.46 9.92
C ILE E 112 -6.69 13.28 9.67
N ALA E 113 -6.59 14.39 10.38
CA ALA E 113 -5.47 15.26 10.22
C ALA E 113 -4.21 14.59 10.78
N ASN E 114 -3.16 14.58 9.95
CA ASN E 114 -1.87 13.96 10.29
C ASN E 114 -0.97 15.05 10.86
N GLY E 115 -0.85 15.08 12.18
CA GLY E 115 0.19 15.87 12.84
C GLY E 115 1.12 14.92 13.57
N VAL E 116 1.52 13.87 12.89
CA VAL E 116 2.52 13.00 13.42
C VAL E 116 3.86 13.43 12.87
N LEU E 117 4.72 14.02 13.71
CA LEU E 117 6.07 14.45 13.25
C LEU E 117 6.98 13.26 12.93
N THR E 118 7.76 13.38 11.83
CA THR E 118 8.77 12.42 11.40
C THR E 118 10.05 13.17 11.05
N THR E 119 10.97 13.14 11.99
CA THR E 119 12.19 13.88 11.88
C THR E 119 13.37 12.92 12.06
N ASN E 120 14.54 13.35 11.57
CA ASN E 120 15.82 12.65 11.77
C ASN E 120 16.43 12.85 13.14
N THR E 121 16.15 14.02 13.70
CA THR E 121 16.68 14.47 15.04
C THR E 121 15.59 15.00 16.01
N GLU E 122 15.99 15.15 17.26
CA GLU E 122 15.18 15.75 18.31
C GLU E 122 15.10 17.28 18.25
N GLU E 123 16.14 17.95 17.75
CA GLU E 123 16.06 19.38 17.55
C GLU E 123 15.03 19.65 16.46
N GLN E 124 14.92 18.80 15.46
CA GLN E 124 13.89 19.03 14.43
C GLN E 124 12.44 19.00 15.00
N ALA E 125 12.19 18.02 15.85
CA ALA E 125 10.93 17.81 16.52
C ALA E 125 10.54 18.94 17.45
N LEU E 126 11.53 19.45 18.15
CA LEU E 126 11.30 20.49 19.11
C LEU E 126 10.94 21.79 18.40
N ASP E 127 11.60 22.00 17.25
CA ASP E 127 11.41 23.14 16.34
C ASP E 127 10.05 23.05 15.58
N ARG E 128 9.41 21.88 15.59
CA ARG E 128 8.10 21.71 14.90
C ARG E 128 6.90 21.60 15.82
N ALA E 129 7.13 21.74 17.13
CA ALA E 129 6.15 21.42 18.16
C ALA E 129 5.44 22.59 18.89
N GLY E 130 5.71 23.83 18.48
CA GLY E 130 5.07 25.02 19.08
C GLY E 130 5.49 25.44 20.50
N LEU E 131 6.69 25.02 20.93
CA LEU E 131 7.31 25.49 22.18
C LEU E 131 7.72 26.96 22.00
N PRO E 132 8.05 27.65 23.10
CA PRO E 132 8.38 29.10 23.08
C PRO E 132 9.24 29.64 21.92
N THR E 133 10.17 28.83 21.37
CA THR E 133 11.15 29.22 20.33
C THR E 133 11.08 28.34 19.01
N SER E 134 10.00 27.58 18.86
CA SER E 134 9.84 26.75 17.67
C SER E 134 9.55 27.58 16.42
N ALA E 135 10.01 27.10 15.29
CA ALA E 135 9.70 27.68 13.98
C ALA E 135 8.20 27.55 13.68
N GLU E 136 7.65 26.36 13.95
CA GLU E 136 6.24 26.05 13.68
C GLU E 136 5.61 25.13 14.75
N ASP E 137 4.27 25.01 14.72
CA ASP E 137 3.49 24.16 15.61
C ASP E 137 2.62 23.27 14.77
N LYS E 138 3.00 22.01 14.63
CA LYS E 138 2.25 21.11 13.77
C LYS E 138 0.95 20.60 14.41
N GLY E 139 0.86 20.63 15.76
CA GLY E 139 -0.33 20.16 16.46
C GLY E 139 -1.44 21.12 16.12
N ALA E 140 -1.11 22.42 16.18
CA ALA E 140 -2.02 23.50 15.85
C ALA E 140 -2.39 23.52 14.39
N GLN E 141 -1.46 23.41 13.46
CA GLN E 141 -1.78 23.23 12.02
C GLN E 141 -2.72 22.04 11.73
N ALA E 142 -2.49 20.88 12.33
CA ALA E 142 -3.29 19.69 12.07
C ALA E 142 -4.72 19.89 12.63
N THR E 143 -4.85 20.64 13.70
CA THR E 143 -6.22 20.94 14.16
C THR E 143 -6.97 21.88 13.25
N VAL E 144 -6.29 22.92 12.77
CA VAL E 144 -6.91 23.82 11.83
C VAL E 144 -7.37 23.04 10.58
N ALA E 145 -6.53 22.13 10.07
CA ALA E 145 -6.81 21.32 8.89
C ALA E 145 -8.07 20.45 9.04
N ALA E 146 -8.16 19.74 10.16
CA ALA E 146 -9.31 18.88 10.45
C ALA E 146 -10.60 19.67 10.62
N LEU E 147 -10.54 20.77 11.36
CA LEU E 147 -11.73 21.56 11.60
C LEU E 147 -12.16 22.14 10.24
N ALA E 148 -11.25 22.78 9.53
CA ALA E 148 -11.58 23.40 8.24
C ALA E 148 -12.14 22.37 7.28
N THR E 149 -11.55 21.20 7.19
CA THR E 149 -12.05 20.15 6.32
C THR E 149 -13.43 19.59 6.66
N ALA E 150 -13.67 19.32 7.92
CA ALA E 150 -15.02 18.98 8.42
C ALA E 150 -16.04 20.04 8.10
N LEU E 151 -15.66 21.30 8.14
CA LEU E 151 -16.61 22.35 7.81
C LEU E 151 -16.91 22.35 6.33
N THR E 152 -15.91 22.00 5.51
CA THR E 152 -16.11 21.93 4.07
C THR E 152 -17.03 20.77 3.68
N LEU E 153 -16.83 19.64 4.32
CA LEU E 153 -17.69 18.45 4.09
C LEU E 153 -19.16 18.66 4.46
N ARG E 154 -19.35 19.46 5.52
CA ARG E 154 -20.66 19.84 6.03
C ARG E 154 -21.42 20.58 4.92
N GLU E 155 -20.75 21.55 4.29
CA GLU E 155 -21.40 22.33 3.21
C GLU E 155 -21.57 21.52 1.92
N LEU E 156 -20.71 20.55 1.66
CA LEU E 156 -20.91 19.76 0.48
C LEU E 156 -22.08 18.82 0.67
N ARG E 157 -22.24 18.29 1.87
CA ARG E 157 -23.22 17.23 2.13
C ARG E 157 -24.66 17.75 2.27
N ALA E 158 -25.60 16.83 2.54
CA ALA E 158 -27.03 17.08 2.44
C ALA E 158 -27.65 17.96 3.49
N HIS E 159 -28.25 19.04 3.02
CA HIS E 159 -29.17 19.89 3.77
C HIS E 159 -29.99 20.70 2.72
N SER E 160 -31.05 21.47 3.05
CA SER E 160 -31.77 21.54 4.33
C SER E 160 -33.30 21.47 4.13
C ACY F . 7.03 -23.89 13.48
O ACY F . 7.62 -24.97 13.21
OXT ACY F . 5.94 -23.75 14.07
CH3 ACY F . 7.72 -22.64 13.06
O2 TS1 G . 11.04 -13.93 10.36
C2 TS1 G . 11.76 -13.81 9.37
N3 TS1 G . 12.94 -13.17 9.47
N1 TS1 G . 11.33 -14.35 8.27
C8 TS1 G . 12.19 -14.25 7.15
C9 TS1 G . 13.48 -13.56 7.22
C4 TS1 G . 13.80 -13.00 8.52
O4 TS1 G . 14.84 -12.38 8.74
N7 TS1 G . 11.99 -14.71 5.94
C10 TS1 G . 10.94 -15.46 5.24
C11 TS1 G . 9.59 -15.68 5.82
C12 TS1 G . 8.63 -16.19 4.74
C13 TS1 G . 9.07 -16.61 3.32
C14 TS1 G . 8.04 -17.60 2.72
O26 TS1 G . 6.69 -17.27 3.07
O23 TS1 G . 9.26 -15.48 2.50
O21 TS1 G . 8.29 -17.38 5.37
O19 TS1 G . 8.98 -14.57 6.46
C6 TS1 G . 13.07 -14.31 5.31
O6 TS1 G . 13.18 -14.61 4.09
N5 TS1 G . 14.00 -13.63 6.01
C15 TS1 G . 15.26 -13.07 5.57
C16 TS1 G . 15.20 -11.59 5.29
C17 TS1 G . 16.43 -11.36 4.44
C18 TS1 G . 17.99 -11.88 4.34
O27 TS1 G . 18.98 -12.23 3.28
P TS1 G . 19.62 -12.24 1.77
O33 TS1 G . 19.14 -10.84 1.34
O31 TS1 G . 18.97 -13.47 1.26
O32 TS1 G . 21.07 -12.33 1.99
K K H . 13.21 -10.88 26.74
K K I . -11.19 -8.68 18.43
K K J . -18.40 4.48 25.60
C ACY K . 3.08 -21.08 -19.28
O ACY K . 2.26 -20.21 -18.95
OXT ACY K . 3.60 -21.86 -18.45
CH3 ACY K . 3.44 -21.20 -20.74
O2 TS1 L . 9.27 -13.53 -12.87
C2 TS1 L . 9.80 -12.48 -13.32
N3 TS1 L . 11.08 -12.19 -13.03
N1 TS1 L . 9.06 -11.72 -14.09
C8 TS1 L . 9.57 -10.55 -14.63
C9 TS1 L . 10.95 -10.17 -14.36
C4 TS1 L . 11.69 -11.12 -13.48
O4 TS1 L . 12.85 -10.94 -13.10
N7 TS1 L . 9.00 -9.69 -15.45
C10 TS1 L . 7.69 -9.55 -16.07
C11 TS1 L . 6.54 -10.30 -15.50
C12 TS1 L . 5.23 -9.83 -16.08
C13 TS1 L . 5.07 -8.57 -16.94
C14 TS1 L . 3.64 -8.48 -17.53
O26 TS1 L . 2.59 -8.35 -16.55
O23 TS1 L . 5.41 -7.43 -16.18
O21 TS1 L . 5.06 -10.91 -16.92
O19 TS1 L . 6.44 -10.28 -14.10
C6 TS1 L . 9.96 -8.78 -15.64
O6 TS1 L . 9.71 -7.77 -16.40
N5 TS1 L . 11.14 -9.02 -15.01
C15 TS1 L . 12.33 -8.21 -15.06
C16 TS1 L . 12.55 -7.23 -13.93
C17 TS1 L . 13.87 -6.55 -14.34
C18 TS1 L . 14.84 -6.39 -15.65
O27 TS1 L . 15.20 -5.24 -16.55
P TS1 L . 15.54 -3.66 -16.79
O33 TS1 L . 15.21 -2.95 -15.50
O31 TS1 L . 14.74 -3.09 -17.88
O32 TS1 L . 16.98 -3.71 -17.21
K K M . 15.94 -27.06 -4.74
K K N . -8.70 -21.70 1.48
K K O . -10.26 -23.97 18.23
O2 TS1 P . 2.50 7.95 -18.87
C2 TS1 P . 3.09 8.87 -18.30
N3 TS1 P . 4.42 8.96 -18.39
N1 TS1 P . 2.35 9.72 -17.62
C8 TS1 P . 2.95 10.78 -16.92
C9 TS1 P . 4.40 10.94 -17.02
C4 TS1 P . 5.11 9.92 -17.83
O4 TS1 P . 6.32 9.90 -17.97
N7 TS1 P . 2.41 11.73 -16.18
C10 TS1 P . 1.12 12.18 -15.70
C11 TS1 P . -0.05 11.29 -15.84
C12 TS1 P . -1.25 11.89 -15.14
C13 TS1 P . -1.26 13.14 -14.23
C14 TS1 P . -2.60 13.86 -14.27
O26 TS1 P . -3.51 13.02 -13.56
O23 TS1 P . -1.13 12.78 -12.85
O21 TS1 P . -1.96 12.15 -16.31
O19 TS1 P . 0.09 9.94 -15.47
C6 TS1 P . 3.49 12.45 -15.84
O6 TS1 P . 3.27 13.46 -15.07
N5 TS1 P . 4.70 12.00 -16.30
C15 TS1 P . 6.04 12.49 -16.08
C16 TS1 P . 6.86 11.64 -15.11
C17 TS1 P . 8.12 12.43 -14.76
C18 TS1 P . 8.82 13.79 -15.29
O27 TS1 P . 9.11 15.11 -14.69
P TS1 P . 9.81 16.04 -13.55
O33 TS1 P . 10.12 15.03 -12.41
O31 TS1 P . 8.71 17.03 -13.29
O32 TS1 P . 10.97 16.66 -14.25
K K Q . 7.13 -3.10 -31.19
K K R . -13.14 -10.37 -16.36
K K S . -11.67 -26.96 -12.49
C ACY T . -9.08 27.15 3.69
O ACY T . -8.54 28.27 3.77
OXT ACY T . -8.53 26.08 3.98
CH3 ACY T . -10.49 27.13 3.21
O2 TS0 U . -0.13 20.78 0.41
C2 TS0 U . 0.82 20.64 1.21
N3 TS0 U . 2.10 20.87 0.83
N1 TS0 U . 0.57 20.27 2.46
C8 TS0 U . 1.62 20.11 3.35
C9 TS0 U . 3.01 20.33 3.00
C4 TS0 U . 3.17 20.76 1.61
O4 TS0 U . 4.26 21.00 1.11
N7 TS0 U . 1.51 19.75 4.60
C10 TS0 U . 0.41 19.46 5.39
C11 TS0 U . -0.51 18.29 5.25
C12 TS0 U . -1.35 18.73 6.45
C13 TS0 U . -1.11 17.91 7.77
C14 TS0 U . -2.34 17.93 8.68
O26 TS0 U . -3.32 16.95 8.35
O23 TS0 U . -0.53 16.62 7.53
O21 TS0 U . -2.67 19.00 6.02
O19 TS0 U . -1.11 18.23 3.99
C6 TS0 U . 2.75 19.74 5.05
O6 TS0 U . 2.96 19.42 6.29
N5 TS0 U . 3.70 20.09 4.12
C15 TS0 U . 5.13 20.15 4.30
C16 TS0 U . 5.87 18.94 3.68
C17 TS0 U . 7.32 19.34 3.78
C18 TS0 U . 8.18 20.43 4.66
O27 TS0 U . 9.14 20.39 5.78
P TS0 U . 10.17 19.70 6.89
O33 TS0 U . 10.53 18.30 6.46
O31 TS0 U . 9.40 19.73 8.16
O32 TS0 U . 11.34 20.61 6.84
K K V . -1.39 28.48 -14.78
K K W . -18.93 9.39 -9.99
C ACY X . -1.18 5.50 28.06
O ACY X . -2.36 5.14 28.22
OXT ACY X . -0.57 6.22 28.84
CH3 ACY X . -0.43 5.06 26.86
O2 TS1 Y . 5.56 7.30 18.65
C2 TS1 Y . 6.57 6.57 18.48
N3 TS1 Y . 7.77 7.14 18.18
N1 TS1 Y . 6.42 5.27 18.57
C8 TS1 Y . 7.54 4.44 18.35
C9 TS1 Y . 8.86 5.04 18.03
C4 TS1 Y . 8.90 6.49 17.95
O4 TS1 Y . 9.95 7.08 17.70
N7 TS1 Y . 7.61 3.13 18.36
C10 TS1 Y . 6.72 2.01 18.60
C11 TS1 Y . 5.22 2.19 18.68
C12 TS1 Y . 4.50 0.84 18.85
C13 TS1 Y . 5.25 -0.54 18.89
C14 TS1 Y . 4.39 -1.68 19.41
O26 TS1 Y . 3.15 -1.70 18.69
O23 TS1 Y . 5.75 -1.02 17.63
O21 TS1 Y . 4.06 1.14 20.15
O19 TS1 Y . 4.60 2.92 17.64
C6 TS1 Y . 8.91 2.97 18.09
O6 TS1 Y . 9.39 1.81 18.02
N5 TS1 Y . 9.67 4.06 17.89
C15 TS1 Y . 11.06 4.18 17.56
C16 TS1 Y . 11.21 4.35 16.06
C17 TS1 Y . 12.71 4.42 15.84
C18 TS1 Y . 14.08 4.27 16.71
O27 TS1 Y . 15.03 3.16 16.97
P TS1 Y . 16.22 2.16 16.50
O33 TS1 Y . 16.03 2.20 14.98
O31 TS1 Y . 15.92 0.90 17.20
O32 TS1 Y . 17.39 2.83 17.12
K K Z . 2.71 23.74 21.18
K K AA . -17.64 10.44 11.29
S1 D1D BA . -8.89 31.27 14.32
C1 D1D BA . -9.11 31.97 15.96
C2 D1D BA . -9.55 30.81 16.82
O2 D1D BA . -10.51 30.09 16.10
C3 D1D BA . -8.41 29.89 17.29
O3 D1D BA . -7.78 30.59 18.33
C4 D1D BA . -7.30 29.53 16.32
S4 D1D BA . -7.87 29.50 14.62
#